data_8JNX
#
_entry.id   8JNX
#
_cell.length_a   171.307
_cell.length_b   171.307
_cell.length_c   167.170
_cell.angle_alpha   90.000
_cell.angle_beta   90.000
_cell.angle_gamma   120.000
#
_symmetry.space_group_name_H-M   'P 61 2 2'
#
loop_
_entity.id
_entity.type
_entity.pdbx_description
1 polymer Alpha-amylase
2 non-polymer 'CALCIUM ION'
#
_entity_poly.entity_id   1
_entity_poly.type   'polypeptide(L)'
_entity_poly.pdbx_seq_one_letter_code
;GSNVSHNFNHNPFIPSPNDDVEITVEVEHYGPIDEGGIYFTTDGSTPAGARGEASSGEFSPLEVVETKTENNLQRSTLKG
VIPKQADSTPVKYVVDVWAADGEGSQYADTNSLTSAEATEFAYYVENYSSPDWAKDAVIYHIFVDRFFDGNPDNNFAVDP
SLSLEEALKDWMGGDLEGVLAKLDYIEELGVDTIWLSPVFEGPYSHGYHPTDFMGVDPNFGTLEVLKELIDEAHDRDMKV
IYDFVPNHTSSEHPFFQDALENGEDSPYYDWYTFYEDGTYETFYGIEELPQFNNDHPEACDYMLNEVVPFWLEELEFDGL
RLDYAKGPSYSFWVDFRDKVKSIDPDMYVFGEVWDSREKISSCAGKLDGSLDFGFHDTFKGTFAFDGSMQSVVNYVEENE
AEYHPEYIMTTFLDNHDLPRFLYEAGNNTDKLKLASFTQFMLPGSPVIYYGTEVGLSQSANHHEFNDWKDRWYREFMIWD
EEEQDRELLTHYQDIIELRQNHSALRTGDFHAHSATRDALVFERSNEDERLIVAVNKGAEAVLAIDEELELENLVTGERM
TGDELTVGANSFAVYQVVEEEKDIEHVALRGVHAQDIALSYDEAAGVWRSEGIHLKNKQKVTFEYVINGAESTRELTFTP
DRGGKFEFVFNPVEPEQVTVLH
;
_entity_poly.pdbx_strand_id   A
#
loop_
_chem_comp.id
_chem_comp.type
_chem_comp.name
_chem_comp.formula
CA non-polymer 'CALCIUM ION' 'Ca 2'
#
# COMPACT_ATOMS: atom_id res chain seq x y z
N GLY A 1 22.75 -4.34 -30.17
CA GLY A 1 24.00 -5.03 -29.92
C GLY A 1 23.84 -6.23 -29.01
N SER A 2 22.86 -6.14 -28.10
CA SER A 2 22.57 -7.21 -27.15
C SER A 2 21.23 -6.98 -26.48
N ASN A 3 21.04 -7.55 -25.28
CA ASN A 3 19.80 -7.38 -24.51
C ASN A 3 20.20 -7.35 -23.03
N VAL A 4 20.56 -6.17 -22.54
CA VAL A 4 20.82 -5.99 -21.12
C VAL A 4 19.49 -5.93 -20.39
N SER A 5 19.36 -6.70 -19.30
CA SER A 5 18.12 -6.77 -18.55
C SER A 5 18.46 -6.88 -17.07
N HIS A 6 18.18 -5.82 -16.31
CA HIS A 6 18.36 -5.80 -14.87
C HIS A 6 17.04 -5.95 -14.12
N ASN A 7 16.05 -5.13 -14.46
CA ASN A 7 14.67 -5.28 -13.98
C ASN A 7 14.58 -5.18 -12.46
N PHE A 8 15.30 -4.20 -11.89
CA PHE A 8 15.24 -3.90 -10.45
C PHE A 8 15.56 -5.13 -9.60
N ASN A 9 16.51 -5.94 -10.04
CA ASN A 9 16.88 -7.16 -9.34
C ASN A 9 18.09 -6.91 -8.45
N HIS A 10 17.86 -6.14 -7.38
CA HIS A 10 18.83 -5.96 -6.33
C HIS A 10 18.48 -6.89 -5.16
N ASN A 11 19.49 -7.58 -4.63
CA ASN A 11 19.24 -8.72 -3.75
C ASN A 11 18.46 -8.32 -2.49
N PRO A 12 18.93 -7.38 -1.65
CA PRO A 12 18.03 -6.88 -0.60
C PRO A 12 17.09 -5.84 -1.16
N PHE A 13 15.89 -6.25 -1.57
CA PHE A 13 14.94 -5.33 -2.19
C PHE A 13 14.50 -4.24 -1.22
N ILE A 14 14.61 -4.48 0.09
CA ILE A 14 14.31 -3.47 1.11
C ILE A 14 15.53 -3.37 2.01
N PRO A 15 16.57 -2.64 1.60
CA PRO A 15 17.86 -2.71 2.29
C PRO A 15 17.87 -2.00 3.63
N SER A 16 18.53 -2.63 4.59
CA SER A 16 18.85 -2.00 5.87
C SER A 16 20.06 -1.09 5.69
N PRO A 17 20.37 -0.26 6.69
CA PRO A 17 21.62 0.53 6.62
C PRO A 17 22.89 -0.29 6.74
N ASN A 18 22.80 -1.62 6.78
CA ASN A 18 23.94 -2.49 7.03
C ASN A 18 24.34 -3.32 5.83
N ASP A 19 23.38 -3.97 5.17
CA ASP A 19 23.69 -4.93 4.12
C ASP A 19 24.05 -4.22 2.82
N ASP A 20 25.03 -4.79 2.12
CA ASP A 20 25.30 -4.36 0.75
C ASP A 20 24.17 -4.85 -0.17
N VAL A 21 24.11 -4.26 -1.35
CA VAL A 21 23.02 -4.52 -2.29
C VAL A 21 23.63 -5.13 -3.55
N GLU A 22 23.33 -6.40 -3.80
CA GLU A 22 23.91 -7.13 -4.92
C GLU A 22 23.08 -6.88 -6.17
N ILE A 23 23.73 -6.37 -7.23
CA ILE A 23 23.08 -6.09 -8.50
C ILE A 23 23.43 -7.22 -9.46
N THR A 24 22.40 -7.95 -9.91
CA THR A 24 22.58 -9.04 -10.87
C THR A 24 21.92 -8.65 -12.19
N VAL A 25 22.67 -8.79 -13.29
CA VAL A 25 22.23 -8.34 -14.61
C VAL A 25 22.34 -9.52 -15.58
N GLU A 26 21.27 -9.77 -16.32
CA GLU A 26 21.24 -10.79 -17.36
C GLU A 26 21.41 -10.14 -18.72
N VAL A 27 22.34 -10.66 -19.52
CA VAL A 27 22.65 -10.11 -20.83
C VAL A 27 22.55 -11.22 -21.87
N GLU A 28 21.86 -10.94 -22.96
CA GLU A 28 21.76 -11.83 -24.12
C GLU A 28 22.45 -11.14 -25.29
N HIS A 29 23.65 -11.60 -25.64
CA HIS A 29 24.50 -10.89 -26.58
C HIS A 29 24.97 -11.83 -27.70
N TYR A 30 25.32 -11.21 -28.82
CA TYR A 30 25.91 -11.91 -29.96
C TYR A 30 27.43 -11.76 -29.95
N GLY A 31 27.92 -10.53 -30.09
CA GLY A 31 29.33 -10.26 -29.96
C GLY A 31 29.76 -10.35 -28.52
N PRO A 32 31.01 -10.01 -28.23
CA PRO A 32 31.51 -10.13 -26.85
C PRO A 32 30.92 -9.07 -25.94
N ILE A 33 30.71 -9.45 -24.68
CA ILE A 33 30.57 -8.50 -23.57
C ILE A 33 31.39 -9.07 -22.42
N ASP A 34 32.26 -8.24 -21.85
CA ASP A 34 33.24 -8.72 -20.88
C ASP A 34 33.00 -8.18 -19.48
N GLU A 35 32.57 -6.93 -19.35
CA GLU A 35 32.35 -6.32 -18.04
C GLU A 35 31.40 -5.15 -18.18
N GLY A 36 30.69 -4.87 -17.09
CA GLY A 36 29.81 -3.72 -17.02
C GLY A 36 30.16 -2.83 -15.86
N GLY A 37 29.17 -2.13 -15.30
CA GLY A 37 29.43 -1.25 -14.20
C GLY A 37 28.17 -0.61 -13.67
N ILE A 38 28.22 -0.26 -12.38
CA ILE A 38 27.15 0.45 -11.71
C ILE A 38 27.60 1.88 -11.47
N TYR A 39 26.72 2.83 -11.75
CA TYR A 39 26.97 4.24 -11.48
C TYR A 39 25.84 4.73 -10.58
N PHE A 40 26.05 4.63 -9.27
CA PHE A 40 25.02 4.93 -8.29
C PHE A 40 25.29 6.27 -7.63
N THR A 41 24.22 6.86 -7.10
CA THR A 41 24.28 8.15 -6.40
C THR A 41 23.74 7.98 -4.99
N THR A 42 24.12 8.92 -4.12
CA THR A 42 23.67 8.96 -2.74
C THR A 42 22.77 10.15 -2.44
N ASP A 43 23.08 11.32 -2.98
CA ASP A 43 22.18 12.47 -2.89
C ASP A 43 21.01 12.31 -3.84
N GLY A 44 20.29 13.38 -4.11
CA GLY A 44 19.19 13.34 -5.06
C GLY A 44 19.59 13.48 -6.51
N SER A 45 20.88 13.65 -6.79
CA SER A 45 21.32 13.90 -8.16
C SER A 45 21.08 12.69 -9.04
N THR A 46 20.90 12.95 -10.33
CA THR A 46 20.66 11.87 -11.28
C THR A 46 21.97 11.14 -11.59
N PRO A 47 21.98 9.81 -11.49
CA PRO A 47 23.22 9.07 -11.76
C PRO A 47 23.50 8.94 -13.24
N ALA A 48 24.79 8.87 -13.58
CA ALA A 48 25.24 8.75 -14.96
C ALA A 48 26.68 8.28 -14.99
N GLY A 49 27.00 7.47 -15.99
CA GLY A 49 28.34 6.94 -16.17
C GLY A 49 28.42 6.18 -17.46
N ALA A 50 29.65 5.78 -17.81
CA ALA A 50 29.88 5.08 -19.07
C ALA A 50 31.22 4.36 -19.04
N ARG A 51 31.20 3.06 -19.31
CA ARG A 51 32.41 2.25 -19.48
C ARG A 51 33.37 2.38 -18.29
N GLY A 52 32.80 2.38 -17.09
CA GLY A 52 33.60 2.49 -15.89
C GLY A 52 33.89 3.91 -15.44
N GLU A 53 33.57 4.92 -16.25
CA GLU A 53 33.78 6.31 -15.91
C GLU A 53 32.44 6.92 -15.52
N ALA A 54 32.27 7.21 -14.23
CA ALA A 54 31.01 7.75 -13.74
C ALA A 54 30.99 9.26 -13.90
N SER A 55 29.86 9.77 -14.39
CA SER A 55 29.69 11.21 -14.58
C SER A 55 29.15 11.89 -13.33
N SER A 56 28.16 11.29 -12.67
CA SER A 56 27.62 11.81 -11.41
C SER A 56 27.34 10.60 -10.51
N GLY A 57 28.26 10.34 -9.57
CA GLY A 57 28.13 9.26 -8.63
C GLY A 57 29.37 8.39 -8.60
N GLU A 58 29.31 7.35 -7.77
CA GLU A 58 30.40 6.40 -7.64
C GLU A 58 30.22 5.23 -8.60
N PHE A 59 31.32 4.51 -8.81
CA PHE A 59 31.36 3.39 -9.74
C PHE A 59 31.53 2.07 -9.00
N SER A 60 30.85 1.03 -9.48
CA SER A 60 31.00 -0.32 -8.99
C SER A 60 30.94 -1.22 -10.22
N PRO A 61 31.84 -2.18 -10.35
CA PRO A 61 31.93 -2.96 -11.58
C PRO A 61 30.93 -4.12 -11.64
N LEU A 62 30.62 -4.52 -12.87
CA LEU A 62 29.81 -5.69 -13.14
C LEU A 62 30.70 -6.76 -13.76
N GLU A 63 30.75 -7.94 -13.14
CA GLU A 63 31.65 -9.00 -13.54
C GLU A 63 30.86 -10.24 -13.92
N VAL A 64 31.31 -10.91 -14.99
CA VAL A 64 30.62 -12.07 -15.53
C VAL A 64 30.75 -13.23 -14.52
N VAL A 65 29.64 -13.61 -13.91
CA VAL A 65 29.64 -14.76 -13.01
C VAL A 65 29.46 -16.05 -13.79
N GLU A 66 28.40 -16.13 -14.60
CA GLU A 66 28.11 -17.28 -15.43
C GLU A 66 28.02 -16.86 -16.89
N THR A 67 28.25 -17.81 -17.77
CA THR A 67 28.14 -17.57 -19.21
C THR A 67 28.11 -18.92 -19.93
N LYS A 68 27.50 -18.90 -21.12
CA LYS A 68 27.44 -20.05 -22.02
C LYS A 68 27.01 -19.57 -23.40
N THR A 69 26.62 -20.51 -24.26
CA THR A 69 26.09 -20.19 -25.57
C THR A 69 24.91 -21.12 -25.86
N GLU A 70 23.73 -20.54 -26.04
CA GLU A 70 22.51 -21.31 -26.21
C GLU A 70 21.82 -20.86 -27.49
N ASN A 71 21.61 -21.81 -28.41
CA ASN A 71 20.99 -21.54 -29.71
C ASN A 71 21.71 -20.42 -30.45
N ASN A 72 23.04 -20.52 -30.49
CA ASN A 72 23.94 -19.62 -31.20
C ASN A 72 23.98 -18.21 -30.62
N LEU A 73 23.32 -17.96 -29.49
CA LEU A 73 23.41 -16.69 -28.79
C LEU A 73 24.06 -16.90 -27.44
N GLN A 74 24.92 -15.96 -27.04
CA GLN A 74 25.66 -16.06 -25.80
C GLN A 74 24.87 -15.43 -24.66
N ARG A 75 24.76 -16.14 -23.54
CA ARG A 75 24.01 -15.70 -22.37
C ARG A 75 24.97 -15.60 -21.19
N SER A 76 25.29 -14.37 -20.79
CA SER A 76 26.16 -14.12 -19.65
C SER A 76 25.36 -13.52 -18.50
N THR A 77 25.92 -13.61 -17.30
CA THR A 77 25.31 -13.07 -16.09
C THR A 77 26.33 -12.20 -15.38
N LEU A 78 26.03 -10.90 -15.28
CA LEU A 78 26.89 -9.92 -14.64
C LEU A 78 26.41 -9.68 -13.21
N LYS A 79 27.36 -9.45 -12.31
CA LYS A 79 27.03 -9.18 -10.92
C LYS A 79 27.99 -8.16 -10.33
N GLY A 80 27.45 -7.33 -9.45
CA GLY A 80 28.21 -6.34 -8.70
C GLY A 80 27.38 -5.88 -7.53
N VAL A 81 28.04 -5.27 -6.56
CA VAL A 81 27.37 -4.85 -5.34
C VAL A 81 27.52 -3.34 -5.17
N ILE A 82 26.48 -2.72 -4.62
CA ILE A 82 26.53 -1.32 -4.21
C ILE A 82 26.89 -1.31 -2.73
N PRO A 83 27.90 -0.54 -2.32
CA PRO A 83 28.29 -0.54 -0.89
C PRO A 83 27.14 -0.10 -0.01
N LYS A 84 27.16 -0.60 1.23
CA LYS A 84 26.13 -0.25 2.20
C LYS A 84 26.10 1.26 2.41
N GLN A 85 24.91 1.79 2.64
CA GLN A 85 24.71 3.21 2.83
C GLN A 85 24.02 3.47 4.17
N ALA A 86 24.10 4.71 4.62
CA ALA A 86 23.54 5.09 5.90
C ALA A 86 22.02 5.03 5.86
N ASP A 87 21.40 5.21 7.02
CA ASP A 87 19.95 5.22 7.13
C ASP A 87 19.37 6.46 6.45
N SER A 88 18.16 6.30 5.92
CA SER A 88 17.44 7.38 5.23
C SER A 88 18.27 7.95 4.09
N THR A 89 18.57 7.10 3.12
CA THR A 89 19.42 7.46 1.99
C THR A 89 18.76 6.97 0.70
N PRO A 90 18.63 7.83 -0.32
CA PRO A 90 18.03 7.39 -1.59
C PRO A 90 19.09 7.02 -2.62
N VAL A 91 19.22 5.74 -2.91
CA VAL A 91 20.21 5.25 -3.87
C VAL A 91 19.55 5.13 -5.24
N LYS A 92 19.97 5.98 -6.18
CA LYS A 92 19.63 5.83 -7.59
C LYS A 92 20.86 5.32 -8.33
N TYR A 93 20.66 4.40 -9.26
CA TYR A 93 21.78 3.86 -10.01
C TYR A 93 21.35 3.51 -11.43
N VAL A 94 22.32 3.56 -12.34
CA VAL A 94 22.13 3.13 -13.72
C VAL A 94 23.19 2.07 -14.01
N VAL A 95 22.88 1.20 -14.97
CA VAL A 95 23.69 0.01 -15.24
C VAL A 95 23.93 -0.08 -16.74
N ASP A 96 25.19 -0.31 -17.13
CA ASP A 96 25.56 -0.57 -18.51
C ASP A 96 26.46 -1.79 -18.58
N VAL A 97 26.53 -2.38 -19.77
CA VAL A 97 27.36 -3.55 -20.04
C VAL A 97 28.02 -3.35 -21.40
N TRP A 98 29.33 -3.58 -21.47
CA TRP A 98 30.08 -3.37 -22.70
C TRP A 98 31.06 -4.53 -22.88
N ALA A 99 31.91 -4.42 -23.90
CA ALA A 99 32.96 -5.38 -24.18
C ALA A 99 34.30 -4.68 -24.07
N ALA A 100 35.17 -5.19 -23.20
CA ALA A 100 36.54 -4.70 -23.16
C ALA A 100 37.20 -4.89 -24.52
N ASP A 101 38.08 -3.96 -24.87
CA ASP A 101 38.68 -3.87 -26.20
C ASP A 101 37.62 -3.66 -27.28
N GLY A 102 36.48 -3.10 -26.91
CA GLY A 102 35.42 -2.79 -27.84
C GLY A 102 35.16 -1.30 -27.92
N GLU A 103 34.12 -0.94 -28.68
CA GLU A 103 33.77 0.45 -28.95
C GLU A 103 32.35 0.70 -28.49
N GLY A 104 32.20 1.40 -27.38
CA GLY A 104 30.91 1.86 -26.91
C GLY A 104 30.43 1.10 -25.68
N SER A 105 29.14 1.28 -25.38
CA SER A 105 28.51 0.67 -24.23
C SER A 105 27.03 0.50 -24.51
N GLN A 106 26.35 -0.28 -23.66
CA GLN A 106 24.92 -0.51 -23.80
C GLN A 106 24.31 -0.68 -22.41
N TYR A 107 23.20 0.00 -22.18
CA TYR A 107 22.67 0.17 -20.83
C TYR A 107 21.50 -0.77 -20.55
N ALA A 108 20.99 -0.70 -19.32
CA ALA A 108 20.12 -1.75 -18.81
C ALA A 108 18.66 -1.51 -19.19
N ASP A 109 17.96 -2.61 -19.46
CA ASP A 109 16.52 -2.64 -19.71
C ASP A 109 16.13 -1.92 -21.00
N THR A 110 16.54 -0.66 -21.15
CA THR A 110 16.23 0.07 -22.38
C THR A 110 17.15 -0.29 -23.54
N ASN A 111 18.27 -0.97 -23.27
CA ASN A 111 19.26 -1.30 -24.29
C ASN A 111 19.77 -0.05 -25.00
N SER A 112 19.78 1.08 -24.31
CA SER A 112 20.25 2.32 -24.88
C SER A 112 21.77 2.36 -24.92
N LEU A 113 22.31 3.19 -25.80
CA LEU A 113 23.74 3.38 -25.93
C LEU A 113 24.27 4.51 -25.06
N THR A 114 23.38 5.30 -24.45
CA THR A 114 23.78 6.41 -23.60
C THR A 114 23.09 6.29 -22.25
N SER A 115 23.68 6.94 -21.25
CA SER A 115 23.13 6.88 -19.89
C SER A 115 21.82 7.67 -19.77
N ALA A 116 21.63 8.68 -20.61
CA ALA A 116 20.45 9.54 -20.49
C ALA A 116 19.16 8.80 -20.83
N GLU A 117 19.21 7.89 -21.80
CA GLU A 117 18.03 7.13 -22.22
C GLU A 117 18.02 5.73 -21.62
N ALA A 118 18.63 5.54 -20.46
CA ALA A 118 18.64 4.27 -19.77
C ALA A 118 17.68 4.27 -18.60
N THR A 119 17.30 3.07 -18.16
CA THR A 119 16.44 2.94 -16.99
C THR A 119 17.21 3.39 -15.74
N GLU A 120 16.57 4.22 -14.93
CA GLU A 120 17.15 4.71 -13.69
C GLU A 120 16.52 3.95 -12.53
N PHE A 121 17.28 3.02 -11.95
CA PHE A 121 16.80 2.21 -10.84
C PHE A 121 17.03 2.94 -9.52
N ALA A 122 16.29 2.52 -8.49
CA ALA A 122 16.41 3.17 -7.20
C ALA A 122 15.84 2.29 -6.10
N TYR A 123 16.34 2.49 -4.89
CA TYR A 123 15.80 1.91 -3.67
C TYR A 123 16.12 2.86 -2.53
N TYR A 124 15.46 2.65 -1.39
CA TYR A 124 15.62 3.51 -0.23
C TYR A 124 16.24 2.71 0.91
N VAL A 125 17.36 3.20 1.44
CA VAL A 125 18.08 2.51 2.50
C VAL A 125 17.52 2.98 3.84
N GLU A 126 16.90 2.06 4.58
CA GLU A 126 16.18 2.38 5.80
C GLU A 126 15.65 1.12 6.47
N ASN A 127 15.60 1.10 7.80
CA ASN A 127 14.83 0.07 8.49
C ASN A 127 13.35 0.29 8.18
N TYR A 128 12.85 -0.42 7.16
CA TYR A 128 11.51 -0.18 6.63
C TYR A 128 10.46 -0.40 7.71
N SER A 129 9.57 0.58 7.85
CA SER A 129 8.50 0.52 8.84
C SER A 129 7.35 1.39 8.40
N SER A 130 6.15 0.92 8.63
CA SER A 130 4.94 1.66 8.40
C SER A 130 4.40 2.23 9.71
N PRO A 131 3.70 3.36 9.67
CA PRO A 131 3.16 3.94 10.89
C PRO A 131 2.25 2.96 11.62
N ASP A 132 2.56 2.75 12.91
CA ASP A 132 1.81 1.78 13.70
C ASP A 132 0.33 2.15 13.80
N TRP A 133 0.01 3.44 13.73
CA TRP A 133 -1.40 3.85 13.75
C TRP A 133 -2.11 3.46 12.46
N ALA A 134 -1.38 3.38 11.35
CA ALA A 134 -1.99 3.00 10.09
C ALA A 134 -2.30 1.50 10.04
N LYS A 135 -1.66 0.70 10.88
CA LYS A 135 -1.99 -0.72 10.93
C LYS A 135 -3.34 -0.96 11.57
N ASP A 136 -3.66 -0.22 12.63
CA ASP A 136 -4.91 -0.36 13.35
C ASP A 136 -6.03 0.53 12.82
N ALA A 137 -5.76 1.26 11.74
CA ALA A 137 -6.68 2.30 11.27
C ALA A 137 -7.91 1.71 10.60
N VAL A 138 -9.07 2.27 10.95
CA VAL A 138 -10.32 2.03 10.24
C VAL A 138 -10.67 3.32 9.52
N ILE A 139 -10.76 3.25 8.19
CA ILE A 139 -10.83 4.44 7.34
C ILE A 139 -12.24 4.60 6.80
N TYR A 140 -12.69 5.86 6.74
CA TYR A 140 -14.00 6.22 6.18
C TYR A 140 -13.73 7.06 4.93
N HIS A 141 -13.70 6.39 3.78
CA HIS A 141 -13.42 7.04 2.51
C HIS A 141 -14.66 7.77 2.04
N ILE A 142 -14.61 9.11 2.02
CA ILE A 142 -15.75 9.92 1.62
C ILE A 142 -15.45 10.58 0.29
N PHE A 143 -16.49 10.73 -0.53
CA PHE A 143 -16.43 11.48 -1.78
C PHE A 143 -17.01 12.85 -1.46
N VAL A 144 -16.15 13.87 -1.43
CA VAL A 144 -16.50 15.15 -0.79
C VAL A 144 -17.73 15.77 -1.44
N ASP A 145 -17.82 15.71 -2.77
CA ASP A 145 -18.95 16.32 -3.46
C ASP A 145 -20.27 15.62 -3.18
N ARG A 146 -20.25 14.42 -2.62
CA ARG A 146 -21.46 13.61 -2.45
C ARG A 146 -21.73 13.24 -1.00
N PHE A 147 -21.10 13.94 -0.04
CA PHE A 147 -21.31 13.61 1.36
C PHE A 147 -22.40 14.50 1.96
N PHE A 148 -22.05 15.74 2.33
CA PHE A 148 -23.02 16.68 2.85
C PHE A 148 -22.72 18.08 2.33
N ASP A 149 -23.78 18.86 2.15
CA ASP A 149 -23.69 20.22 1.63
C ASP A 149 -23.86 21.19 2.80
N GLY A 150 -22.76 21.41 3.53
CA GLY A 150 -22.78 22.30 4.68
C GLY A 150 -22.84 23.79 4.36
N ASN A 151 -22.72 24.15 3.09
CA ASN A 151 -22.75 25.56 2.68
C ASN A 151 -23.17 25.62 1.22
N PRO A 152 -24.43 25.92 0.95
CA PRO A 152 -24.88 26.04 -0.46
C PRO A 152 -24.28 27.22 -1.19
N ASP A 153 -23.64 28.16 -0.49
CA ASP A 153 -23.08 29.33 -1.15
C ASP A 153 -21.82 29.00 -1.96
N ASN A 154 -21.22 27.84 -1.73
CA ASN A 154 -20.04 27.41 -2.48
C ASN A 154 -20.39 26.56 -3.69
N ASN A 155 -21.67 26.43 -4.02
CA ASN A 155 -22.11 25.58 -5.12
C ASN A 155 -22.19 26.41 -6.40
N PHE A 156 -21.02 26.81 -6.89
CA PHE A 156 -20.95 27.67 -8.07
C PHE A 156 -21.28 26.89 -9.35
N ALA A 157 -20.83 25.64 -9.43
CA ALA A 157 -20.99 24.83 -10.63
C ALA A 157 -22.14 23.84 -10.54
N VAL A 158 -22.98 23.94 -9.52
CA VAL A 158 -24.12 23.05 -9.36
C VAL A 158 -25.30 23.61 -10.13
N ASP A 159 -25.88 22.79 -11.00
CA ASP A 159 -27.05 23.17 -11.79
C ASP A 159 -28.25 22.40 -11.30
N PRO A 160 -29.11 22.99 -10.46
CA PRO A 160 -30.25 22.25 -9.91
C PRO A 160 -31.26 21.80 -10.96
N SER A 161 -31.24 22.39 -12.16
CA SER A 161 -32.15 22.01 -13.22
C SER A 161 -31.79 20.68 -13.87
N LEU A 162 -30.78 19.98 -13.36
CA LEU A 162 -30.31 18.75 -13.97
C LEU A 162 -31.02 17.54 -13.38
N SER A 163 -31.19 16.52 -14.22
CA SER A 163 -31.70 15.23 -13.77
C SER A 163 -30.60 14.47 -13.02
N LEU A 164 -31.00 13.36 -12.40
CA LEU A 164 -30.05 12.57 -11.63
C LEU A 164 -28.97 11.96 -12.53
N GLU A 165 -29.36 11.51 -13.73
CA GLU A 165 -28.38 10.96 -14.66
C GLU A 165 -27.39 12.03 -15.11
N GLU A 166 -27.80 13.29 -15.15
CA GLU A 166 -26.93 14.37 -15.59
C GLU A 166 -26.17 15.03 -14.44
N ALA A 167 -26.72 15.01 -13.22
CA ALA A 167 -26.09 15.63 -12.08
C ALA A 167 -25.06 14.73 -11.40
N LEU A 168 -25.23 13.41 -11.50
CA LEU A 168 -24.31 12.49 -10.84
C LEU A 168 -22.90 12.54 -11.44
N LYS A 169 -22.76 13.00 -12.69
CA LYS A 169 -21.46 13.20 -13.29
C LYS A 169 -21.03 14.65 -13.29
N ASP A 170 -21.81 15.54 -12.69
CA ASP A 170 -21.50 16.95 -12.55
C ASP A 170 -21.34 17.27 -11.06
N TRP A 171 -21.39 18.56 -10.73
CA TRP A 171 -21.23 19.00 -9.35
C TRP A 171 -22.58 18.93 -8.62
N MET A 172 -22.55 18.41 -7.40
CA MET A 172 -23.75 18.33 -6.57
C MET A 172 -23.72 19.22 -5.35
N GLY A 173 -22.55 19.69 -4.93
CA GLY A 173 -22.46 20.70 -3.89
C GLY A 173 -21.84 20.24 -2.58
N GLY A 174 -21.45 18.98 -2.46
CA GLY A 174 -20.80 18.54 -1.23
C GLY A 174 -19.51 19.30 -1.00
N ASP A 175 -19.31 19.74 0.23
CA ASP A 175 -18.19 20.60 0.57
C ASP A 175 -17.55 20.14 1.88
N LEU A 176 -16.39 20.72 2.17
CA LEU A 176 -15.69 20.43 3.42
C LEU A 176 -16.42 20.95 4.64
N GLU A 177 -17.28 21.96 4.47
CA GLU A 177 -18.12 22.40 5.58
C GLU A 177 -19.09 21.31 6.01
N GLY A 178 -19.54 20.49 5.06
CA GLY A 178 -20.43 19.40 5.41
C GLY A 178 -19.73 18.31 6.19
N VAL A 179 -18.47 18.03 5.86
CA VAL A 179 -17.68 17.06 6.61
C VAL A 179 -17.47 17.55 8.04
N LEU A 180 -17.36 18.87 8.22
CA LEU A 180 -17.27 19.43 9.57
C LEU A 180 -18.56 19.21 10.35
N ALA A 181 -19.70 19.42 9.70
CA ALA A 181 -20.98 19.25 10.38
C ALA A 181 -21.23 17.79 10.74
N LYS A 182 -21.12 16.90 9.76
CA LYS A 182 -21.32 15.47 9.97
C LYS A 182 -20.13 14.79 10.61
N LEU A 183 -19.25 15.54 11.28
CA LEU A 183 -18.09 14.93 11.91
C LEU A 183 -18.48 14.15 13.16
N ASP A 184 -19.57 14.55 13.82
CA ASP A 184 -20.06 13.77 14.96
C ASP A 184 -20.53 12.39 14.52
N TYR A 185 -21.23 12.33 13.38
CA TYR A 185 -21.70 11.04 12.87
C TYR A 185 -20.55 10.14 12.47
N ILE A 186 -19.51 10.72 11.85
CA ILE A 186 -18.33 9.92 11.48
C ILE A 186 -17.66 9.37 12.73
N GLU A 187 -17.53 10.19 13.77
CA GLU A 187 -16.92 9.73 15.02
C GLU A 187 -17.80 8.69 15.70
N GLU A 188 -19.12 8.85 15.62
CA GLU A 188 -20.02 7.85 16.21
C GLU A 188 -19.90 6.51 15.50
N LEU A 189 -19.58 6.51 14.20
CA LEU A 189 -19.38 5.26 13.48
C LEU A 189 -18.26 4.44 14.08
N GLY A 190 -17.22 5.10 14.61
CA GLY A 190 -16.13 4.43 15.28
C GLY A 190 -14.81 4.51 14.54
N VAL A 191 -14.79 5.01 13.30
CA VAL A 191 -13.55 5.07 12.53
C VAL A 191 -12.57 6.03 13.21
N ASP A 192 -11.27 5.78 13.01
CA ASP A 192 -10.22 6.62 13.54
C ASP A 192 -9.42 7.31 12.44
N THR A 193 -9.89 7.25 11.20
CA THR A 193 -9.18 7.82 10.06
C THR A 193 -10.20 8.23 9.00
N ILE A 194 -9.99 9.41 8.43
CA ILE A 194 -10.86 9.94 7.38
C ILE A 194 -10.02 10.13 6.11
N TRP A 195 -10.49 9.53 5.02
CA TRP A 195 -9.86 9.65 3.71
C TRP A 195 -10.71 10.60 2.87
N LEU A 196 -10.11 11.72 2.47
CA LEU A 196 -10.82 12.78 1.75
C LEU A 196 -10.56 12.66 0.25
N SER A 197 -11.64 12.64 -0.53
CA SER A 197 -11.55 12.70 -1.98
C SER A 197 -10.77 13.94 -2.39
N PRO A 198 -10.15 13.93 -3.58
CA PRO A 198 -9.33 15.08 -4.00
C PRO A 198 -10.13 16.38 -4.01
N VAL A 199 -9.48 17.46 -3.58
CA VAL A 199 -10.08 18.77 -3.43
C VAL A 199 -9.39 19.81 -4.33
N PHE A 200 -8.63 19.35 -5.31
CA PHE A 200 -7.89 20.26 -6.17
C PHE A 200 -8.83 21.13 -6.99
N GLU A 201 -8.38 22.35 -7.30
CA GLU A 201 -9.11 23.23 -8.20
C GLU A 201 -9.08 22.60 -9.59
N GLY A 202 -10.14 21.89 -9.95
CA GLY A 202 -10.22 21.25 -11.23
C GLY A 202 -11.53 21.54 -11.94
N PRO A 203 -11.65 21.08 -13.19
CA PRO A 203 -12.90 21.23 -13.94
C PRO A 203 -13.94 20.15 -13.69
N TYR A 204 -13.68 19.19 -12.81
CA TYR A 204 -14.60 18.08 -12.56
C TYR A 204 -14.82 17.93 -11.06
N SER A 205 -16.01 17.41 -10.71
CA SER A 205 -16.44 17.32 -9.32
C SER A 205 -15.69 16.26 -8.53
N HIS A 206 -14.95 15.37 -9.19
CA HIS A 206 -14.19 14.36 -8.46
C HIS A 206 -12.81 14.85 -8.05
N GLY A 207 -12.27 15.85 -8.74
CA GLY A 207 -11.01 16.46 -8.34
C GLY A 207 -9.76 15.76 -8.81
N TYR A 208 -9.88 14.79 -9.71
CA TYR A 208 -8.71 14.07 -10.22
C TYR A 208 -8.10 14.72 -11.46
N HIS A 209 -8.59 15.89 -11.86
CA HIS A 209 -8.02 16.68 -12.95
C HIS A 209 -7.52 18.00 -12.38
N PRO A 210 -6.39 17.99 -11.66
CA PRO A 210 -5.95 19.21 -10.97
C PRO A 210 -5.49 20.29 -11.94
N THR A 211 -5.97 21.51 -11.71
CA THR A 211 -5.41 22.71 -12.34
C THR A 211 -4.62 23.54 -11.35
N ASP A 212 -4.47 23.06 -10.11
CA ASP A 212 -3.66 23.73 -9.10
C ASP A 212 -3.34 22.70 -8.02
N PHE A 213 -2.08 22.26 -7.98
CA PHE A 213 -1.70 21.22 -7.03
C PHE A 213 -1.79 21.70 -5.59
N MET A 214 -1.66 23.00 -5.37
CA MET A 214 -1.60 23.60 -4.04
C MET A 214 -2.76 24.55 -3.81
N GLY A 215 -3.92 24.25 -4.39
CA GLY A 215 -5.10 25.08 -4.23
C GLY A 215 -6.38 24.28 -4.12
N VAL A 216 -7.21 24.64 -3.15
CA VAL A 216 -8.51 24.00 -2.95
C VAL A 216 -9.52 24.67 -3.87
N ASP A 217 -10.31 23.86 -4.57
CA ASP A 217 -11.36 24.39 -5.43
C ASP A 217 -12.39 25.11 -4.57
N PRO A 218 -12.84 26.30 -4.96
CA PRO A 218 -13.87 27.00 -4.19
C PRO A 218 -15.19 26.25 -4.09
N ASN A 219 -15.45 25.31 -5.00
CA ASN A 219 -16.68 24.51 -4.91
C ASN A 219 -16.68 23.60 -3.68
N PHE A 220 -15.53 23.36 -3.06
CA PHE A 220 -15.47 22.58 -1.84
C PHE A 220 -15.28 23.44 -0.59
N GLY A 221 -14.85 24.69 -0.75
CA GLY A 221 -14.59 25.56 0.38
C GLY A 221 -13.27 26.28 0.28
N THR A 222 -12.63 26.51 1.42
CA THR A 222 -11.37 27.23 1.49
C THR A 222 -10.33 26.37 2.20
N LEU A 223 -9.10 26.87 2.26
CA LEU A 223 -8.08 26.22 3.08
C LEU A 223 -8.41 26.33 4.56
N GLU A 224 -8.99 27.46 4.97
CA GLU A 224 -9.32 27.66 6.37
C GLU A 224 -10.37 26.65 6.83
N VAL A 225 -11.38 26.39 5.99
CA VAL A 225 -12.35 25.34 6.29
C VAL A 225 -11.66 23.98 6.35
N LEU A 226 -10.72 23.74 5.43
CA LEU A 226 -9.95 22.50 5.46
C LEU A 226 -9.06 22.44 6.68
N LYS A 227 -8.36 23.55 7.00
CA LYS A 227 -7.58 23.59 8.23
C LYS A 227 -8.48 23.41 9.44
N GLU A 228 -9.67 24.00 9.43
CA GLU A 228 -10.61 23.84 10.53
C GLU A 228 -11.09 22.40 10.64
N LEU A 229 -11.36 21.76 9.50
CA LEU A 229 -11.77 20.36 9.50
C LEU A 229 -10.68 19.47 10.08
N ILE A 230 -9.44 19.62 9.57
CA ILE A 230 -8.34 18.76 10.01
C ILE A 230 -8.05 18.99 11.48
N ASP A 231 -8.11 20.24 11.94
CA ASP A 231 -7.87 20.53 13.35
C ASP A 231 -8.97 19.95 14.23
N GLU A 232 -10.24 20.12 13.83
CA GLU A 232 -11.34 19.58 14.61
C GLU A 232 -11.31 18.06 14.62
N ALA A 233 -11.01 17.44 13.48
CA ALA A 233 -10.84 15.99 13.43
C ALA A 233 -9.64 15.53 14.24
N HIS A 234 -8.65 16.40 14.43
CA HIS A 234 -7.49 16.05 15.25
C HIS A 234 -7.81 16.13 16.74
N ASP A 235 -8.62 17.11 17.14
CA ASP A 235 -9.02 17.21 18.54
C ASP A 235 -9.89 16.05 18.99
N ARG A 236 -10.41 15.25 18.05
CA ARG A 236 -11.13 14.03 18.37
C ARG A 236 -10.26 12.79 18.24
N ASP A 237 -8.95 12.97 18.13
CA ASP A 237 -7.99 11.87 18.00
C ASP A 237 -8.25 11.03 16.74
N MET A 238 -8.76 11.68 15.69
CA MET A 238 -8.96 11.04 14.40
C MET A 238 -7.87 11.52 13.43
N LYS A 239 -7.53 10.66 12.48
CA LYS A 239 -6.54 10.99 11.46
C LYS A 239 -7.24 11.34 10.15
N VAL A 240 -6.55 12.15 9.34
CA VAL A 240 -7.09 12.62 8.07
C VAL A 240 -6.10 12.30 6.97
N ILE A 241 -6.58 11.63 5.92
CA ILE A 241 -5.77 11.24 4.77
C ILE A 241 -6.30 11.95 3.54
N TYR A 242 -5.39 12.46 2.71
CA TYR A 242 -5.75 13.18 1.50
C TYR A 242 -5.51 12.31 0.28
N ASP A 243 -6.49 12.28 -0.63
CA ASP A 243 -6.38 11.58 -1.90
C ASP A 243 -5.55 12.43 -2.85
N PHE A 244 -4.32 12.01 -3.10
CA PHE A 244 -3.33 12.82 -3.81
C PHE A 244 -3.16 12.34 -5.24
N VAL A 245 -3.09 13.29 -6.17
CA VAL A 245 -2.98 13.00 -7.60
C VAL A 245 -1.66 13.54 -8.13
N PRO A 246 -0.58 12.75 -8.12
CA PRO A 246 0.73 13.28 -8.53
C PRO A 246 1.10 13.01 -9.98
N ASN A 247 0.37 12.10 -10.64
CA ASN A 247 0.81 11.63 -11.95
C ASN A 247 0.49 12.60 -13.07
N HIS A 248 -0.65 13.28 -13.01
CA HIS A 248 -1.14 14.03 -14.16
C HIS A 248 -1.90 15.26 -13.70
N THR A 249 -2.00 16.23 -14.62
CA THR A 249 -2.85 17.40 -14.47
C THR A 249 -3.93 17.34 -15.56
N SER A 250 -4.72 18.40 -15.66
CA SER A 250 -5.64 18.57 -16.75
C SER A 250 -5.02 19.48 -17.81
N SER A 251 -5.52 19.37 -19.04
CA SER A 251 -5.07 20.24 -20.11
C SER A 251 -5.34 21.71 -19.80
N GLU A 252 -6.19 22.00 -18.83
CA GLU A 252 -6.49 23.36 -18.41
C GLU A 252 -5.53 23.88 -17.34
N HIS A 253 -4.57 23.07 -16.91
CA HIS A 253 -3.60 23.52 -15.92
C HIS A 253 -2.79 24.67 -16.49
N PRO A 254 -2.58 25.76 -15.74
CA PRO A 254 -1.77 26.88 -16.26
C PRO A 254 -0.40 26.46 -16.77
N PHE A 255 0.19 25.41 -16.20
CA PHE A 255 1.48 24.94 -16.69
C PHE A 255 1.37 24.37 -18.09
N PHE A 256 0.35 23.55 -18.34
CA PHE A 256 0.21 22.88 -19.62
C PHE A 256 -0.17 23.86 -20.72
N GLN A 257 -1.05 24.82 -20.40
CA GLN A 257 -1.45 25.82 -21.39
C GLN A 257 -0.26 26.70 -21.78
N ASP A 258 0.54 27.11 -20.81
CA ASP A 258 1.70 27.95 -21.11
C ASP A 258 2.72 27.19 -21.97
N ALA A 259 2.89 25.89 -21.71
CA ALA A 259 3.78 25.09 -22.54
C ALA A 259 3.15 24.79 -23.90
N LEU A 260 1.82 24.67 -23.95
CA LEU A 260 1.14 24.38 -25.21
C LEU A 260 1.19 25.55 -26.18
N GLU A 261 1.40 26.77 -25.70
CA GLU A 261 1.49 27.96 -26.53
C GLU A 261 2.93 28.42 -26.74
N ASN A 262 3.69 28.55 -25.65
CA ASN A 262 5.05 29.07 -25.76
C ASN A 262 6.06 28.03 -26.22
N GLY A 263 5.73 26.75 -26.12
CA GLY A 263 6.63 25.72 -26.63
C GLY A 263 7.85 25.56 -25.75
N GLU A 264 9.02 25.41 -26.38
CA GLU A 264 10.26 25.21 -25.64
C GLU A 264 10.68 26.44 -24.87
N ASP A 265 10.16 27.62 -25.22
CA ASP A 265 10.43 28.83 -24.44
C ASP A 265 9.61 28.90 -23.17
N SER A 266 8.85 27.85 -22.84
CA SER A 266 8.05 27.77 -21.63
C SER A 266 8.84 27.13 -20.50
N PRO A 267 8.66 27.62 -19.27
CA PRO A 267 9.34 27.00 -18.13
C PRO A 267 8.81 25.61 -17.81
N TYR A 268 7.66 25.23 -18.35
CA TYR A 268 7.03 23.95 -18.04
C TYR A 268 6.99 23.01 -19.24
N TYR A 269 7.77 23.30 -20.28
CA TYR A 269 7.78 22.43 -21.45
C TYR A 269 8.34 21.05 -21.10
N ASP A 270 9.43 21.01 -20.35
CA ASP A 270 10.01 19.75 -19.90
C ASP A 270 9.27 19.16 -18.71
N TRP A 271 8.30 19.87 -18.14
CA TRP A 271 7.51 19.33 -17.04
C TRP A 271 6.43 18.37 -17.53
N TYR A 272 6.20 18.30 -18.84
CA TYR A 272 5.42 17.26 -19.48
C TYR A 272 6.30 16.57 -20.51
N THR A 273 5.79 15.45 -21.04
CA THR A 273 6.54 14.67 -22.03
C THR A 273 5.96 14.96 -23.40
N PHE A 274 6.37 16.09 -23.97
CA PHE A 274 5.96 16.46 -25.32
C PHE A 274 6.78 15.73 -26.36
N TYR A 275 6.12 15.25 -27.41
CA TYR A 275 6.76 14.54 -28.49
C TYR A 275 6.92 15.45 -29.70
N GLU A 276 7.82 15.05 -30.60
CA GLU A 276 8.31 15.92 -31.66
C GLU A 276 7.29 16.09 -32.78
N ASP A 277 6.07 15.58 -32.58
CA ASP A 277 5.03 15.72 -33.59
C ASP A 277 3.75 16.32 -33.01
N GLY A 278 3.83 16.96 -31.85
CA GLY A 278 2.69 17.55 -31.20
C GLY A 278 2.02 16.66 -30.17
N THR A 279 2.18 15.35 -30.27
CA THR A 279 1.65 14.45 -29.26
C THR A 279 2.40 14.62 -27.94
N TYR A 280 1.73 14.26 -26.85
CA TYR A 280 2.33 14.32 -25.53
C TYR A 280 1.89 13.10 -24.73
N GLU A 281 2.72 12.72 -23.76
CA GLU A 281 2.38 11.59 -22.91
C GLU A 281 1.15 11.90 -22.09
N THR A 282 0.21 10.95 -22.04
CA THR A 282 -1.07 11.17 -21.40
C THR A 282 -1.45 9.94 -20.58
N PHE A 283 -2.55 10.08 -19.84
CA PHE A 283 -3.06 9.00 -18.99
C PHE A 283 -4.08 8.20 -19.79
N TYR A 284 -3.63 7.06 -20.33
CA TYR A 284 -4.49 6.13 -21.08
C TYR A 284 -5.15 6.82 -22.27
N GLY A 285 -4.36 7.58 -23.02
CA GLY A 285 -4.83 8.22 -24.23
C GLY A 285 -5.77 9.39 -24.02
N ILE A 286 -6.08 9.75 -22.77
CA ILE A 286 -6.96 10.88 -22.51
C ILE A 286 -6.18 12.16 -22.77
N GLU A 287 -6.49 12.83 -23.88
CA GLU A 287 -5.78 14.07 -24.22
C GLU A 287 -6.03 15.17 -23.19
N GLU A 288 -7.09 15.05 -22.39
CA GLU A 288 -7.37 16.01 -21.33
C GLU A 288 -6.61 15.72 -20.04
N LEU A 289 -5.84 14.62 -20.00
CA LEU A 289 -5.07 14.23 -18.82
C LEU A 289 -3.61 14.03 -19.22
N PRO A 290 -2.87 15.11 -19.45
CA PRO A 290 -1.46 14.96 -19.78
C PRO A 290 -0.66 14.50 -18.57
N GLN A 291 0.26 13.57 -18.80
CA GLN A 291 1.04 13.00 -17.72
C GLN A 291 2.09 14.00 -17.24
N PHE A 292 2.01 14.37 -15.97
CA PHE A 292 3.02 15.25 -15.37
C PHE A 292 4.33 14.49 -15.24
N ASN A 293 5.40 15.05 -15.79
CA ASN A 293 6.69 14.37 -15.87
C ASN A 293 7.42 14.53 -14.54
N ASN A 294 7.20 13.60 -13.62
CA ASN A 294 7.89 13.62 -12.34
C ASN A 294 9.35 13.19 -12.45
N ASP A 295 9.76 12.63 -13.60
CA ASP A 295 11.16 12.28 -13.80
C ASP A 295 12.00 13.47 -14.24
N HIS A 296 11.40 14.61 -14.54
CA HIS A 296 12.18 15.81 -14.82
C HIS A 296 12.69 16.40 -13.51
N PRO A 297 13.96 16.80 -13.46
CA PRO A 297 14.53 17.28 -12.19
C PRO A 297 13.80 18.49 -11.60
N GLU A 298 13.48 19.49 -12.43
CA GLU A 298 12.81 20.68 -11.92
C GLU A 298 11.34 20.43 -11.59
N ALA A 299 10.72 19.44 -12.23
CA ALA A 299 9.34 19.10 -11.89
C ALA A 299 9.27 18.23 -10.64
N CYS A 300 10.22 17.30 -10.50
CA CYS A 300 10.28 16.49 -9.29
C CYS A 300 10.55 17.34 -8.06
N ASP A 301 11.26 18.46 -8.23
CA ASP A 301 11.47 19.38 -7.12
C ASP A 301 10.21 20.16 -6.79
N TYR A 302 9.39 20.49 -7.80
CA TYR A 302 8.14 21.19 -7.54
C TYR A 302 7.17 20.30 -6.78
N MET A 303 7.07 19.03 -7.16
CA MET A 303 6.15 18.12 -6.48
C MET A 303 6.59 17.85 -5.04
N LEU A 304 7.90 17.71 -4.82
CA LEU A 304 8.40 17.25 -3.54
C LEU A 304 8.74 18.38 -2.59
N ASN A 305 9.29 19.49 -3.09
CA ASN A 305 9.70 20.60 -2.24
C ASN A 305 8.68 21.73 -2.19
N GLU A 306 7.56 21.61 -2.90
CA GLU A 306 6.55 22.66 -2.90
C GLU A 306 5.15 22.10 -2.65
N VAL A 307 4.76 21.08 -3.42
CA VAL A 307 3.39 20.59 -3.39
C VAL A 307 3.16 19.68 -2.17
N VAL A 308 3.99 18.65 -2.02
CA VAL A 308 3.79 17.69 -0.94
C VAL A 308 3.83 18.34 0.45
N PRO A 309 4.82 19.18 0.78
CA PRO A 309 4.79 19.84 2.10
C PRO A 309 3.61 20.76 2.29
N PHE A 310 3.00 21.26 1.20
CA PHE A 310 1.82 22.10 1.36
C PHE A 310 0.66 21.33 1.97
N TRP A 311 0.53 20.05 1.63
CA TRP A 311 -0.57 19.24 2.14
C TRP A 311 -0.21 18.55 3.46
N LEU A 312 1.03 18.07 3.59
CA LEU A 312 1.43 17.32 4.77
C LEU A 312 1.94 18.21 5.90
N GLU A 313 2.65 19.30 5.56
CA GLU A 313 3.25 20.16 6.57
C GLU A 313 2.42 21.41 6.84
N GLU A 314 1.93 22.08 5.79
CA GLU A 314 1.15 23.30 5.99
C GLU A 314 -0.27 22.98 6.42
N LEU A 315 -0.99 22.17 5.64
CA LEU A 315 -2.34 21.79 6.00
C LEU A 315 -2.39 20.69 7.05
N GLU A 316 -1.24 20.13 7.43
CA GLU A 316 -1.13 19.18 8.55
C GLU A 316 -1.99 17.95 8.33
N PHE A 317 -2.01 17.44 7.10
CA PHE A 317 -2.60 16.13 6.86
C PHE A 317 -1.76 15.05 7.55
N ASP A 318 -2.41 13.92 7.82
CA ASP A 318 -1.74 12.80 8.47
C ASP A 318 -1.22 11.77 7.48
N GLY A 319 -1.59 11.87 6.21
CA GLY A 319 -1.13 10.91 5.23
C GLY A 319 -1.70 11.22 3.86
N LEU A 320 -1.20 10.48 2.87
CA LEU A 320 -1.59 10.67 1.49
C LEU A 320 -1.96 9.35 0.86
N ARG A 321 -3.12 9.31 0.21
CA ARG A 321 -3.50 8.23 -0.69
C ARG A 321 -3.15 8.67 -2.11
N LEU A 322 -2.36 7.86 -2.80
CA LEU A 322 -1.72 8.27 -4.06
C LEU A 322 -2.49 7.69 -5.24
N ASP A 323 -3.15 8.57 -6.00
CA ASP A 323 -3.90 8.14 -7.18
C ASP A 323 -2.94 7.70 -8.28
N TYR A 324 -3.06 6.44 -8.69
CA TYR A 324 -2.25 5.85 -9.76
C TYR A 324 -0.76 5.96 -9.43
N ALA A 325 -0.35 5.14 -8.46
CA ALA A 325 1.06 5.09 -8.07
C ALA A 325 1.93 4.41 -9.11
N LYS A 326 1.33 3.79 -10.13
CA LYS A 326 2.12 3.16 -11.20
C LYS A 326 2.69 4.18 -12.16
N GLY A 327 2.05 5.35 -12.29
CA GLY A 327 2.47 6.38 -13.19
C GLY A 327 3.92 6.81 -12.98
N PRO A 328 4.20 7.43 -11.83
CA PRO A 328 5.57 7.84 -11.53
C PRO A 328 6.51 6.64 -11.44
N SER A 329 7.81 6.94 -11.50
CA SER A 329 8.83 5.92 -11.44
C SER A 329 9.12 5.52 -10.00
N TYR A 330 9.83 4.41 -9.83
CA TYR A 330 10.31 4.04 -8.50
C TYR A 330 11.36 5.02 -8.00
N SER A 331 12.19 5.55 -8.91
CA SER A 331 13.14 6.58 -8.54
C SER A 331 12.45 7.86 -8.07
N PHE A 332 11.20 8.07 -8.45
CA PHE A 332 10.44 9.19 -7.89
C PHE A 332 9.92 8.86 -6.50
N TRP A 333 9.40 7.64 -6.30
CA TRP A 333 8.86 7.28 -5.00
C TRP A 333 9.95 7.16 -3.95
N VAL A 334 11.17 6.78 -4.36
CA VAL A 334 12.28 6.78 -3.42
C VAL A 334 12.57 8.21 -2.94
N ASP A 335 12.57 9.17 -3.87
CA ASP A 335 12.63 10.57 -3.48
C ASP A 335 11.41 10.97 -2.65
N PHE A 336 10.24 10.45 -3.03
CA PHE A 336 9.00 10.82 -2.36
C PHE A 336 9.00 10.35 -0.90
N ARG A 337 9.48 9.13 -0.66
CA ARG A 337 9.52 8.62 0.71
C ARG A 337 10.52 9.38 1.56
N ASP A 338 11.68 9.73 0.98
CA ASP A 338 12.68 10.49 1.73
C ASP A 338 12.14 11.86 2.13
N LYS A 339 11.21 12.42 1.36
CA LYS A 339 10.66 13.73 1.67
C LYS A 339 9.57 13.64 2.73
N VAL A 340 8.64 12.70 2.58
CA VAL A 340 7.50 12.64 3.49
C VAL A 340 7.90 12.03 4.83
N LYS A 341 8.84 11.09 4.84
CA LYS A 341 9.27 10.46 6.08
C LYS A 341 10.30 11.29 6.83
N SER A 342 10.85 12.34 6.21
CA SER A 342 11.67 13.31 6.92
C SER A 342 10.83 14.39 7.58
N ILE A 343 9.65 14.69 7.02
CA ILE A 343 8.71 15.59 7.68
C ILE A 343 8.20 14.94 8.97
N ASP A 344 7.74 13.70 8.88
CA ASP A 344 7.25 12.93 10.02
C ASP A 344 7.18 11.46 9.61
N PRO A 345 7.95 10.58 10.24
CA PRO A 345 7.89 9.15 9.89
C PRO A 345 6.55 8.50 10.19
N ASP A 346 5.65 9.19 10.89
CA ASP A 346 4.30 8.69 11.15
C ASP A 346 3.28 9.25 10.18
N MET A 347 3.67 9.51 8.93
CA MET A 347 2.77 9.98 7.91
C MET A 347 2.49 8.85 6.93
N TYR A 348 1.22 8.43 6.88
CA TYR A 348 0.82 7.25 6.12
C TYR A 348 0.88 7.54 4.63
N VAL A 349 1.67 6.76 3.90
CA VAL A 349 1.81 6.91 2.46
C VAL A 349 1.52 5.54 1.83
N PHE A 350 0.32 5.39 1.27
CA PHE A 350 -0.08 4.17 0.58
C PHE A 350 -0.65 4.54 -0.79
N GLY A 351 -0.46 3.65 -1.75
CA GLY A 351 -0.80 3.99 -3.12
C GLY A 351 -1.88 3.14 -3.77
N GLU A 352 -2.47 3.66 -4.85
CA GLU A 352 -3.45 2.94 -5.66
C GLU A 352 -2.70 2.32 -6.84
N VAL A 353 -2.43 1.03 -6.75
CA VAL A 353 -1.65 0.31 -7.75
C VAL A 353 -2.58 -0.65 -8.47
N TRP A 354 -2.83 -0.39 -9.75
CA TRP A 354 -3.64 -1.26 -10.61
C TRP A 354 -2.73 -2.36 -11.17
N ASP A 355 -2.46 -3.36 -10.36
CA ASP A 355 -1.61 -4.47 -10.81
C ASP A 355 -1.77 -5.65 -9.86
N SER A 356 -1.20 -6.78 -10.26
CA SER A 356 -1.21 -7.97 -9.44
C SER A 356 -0.42 -7.75 -8.16
N ARG A 357 -0.64 -8.64 -7.18
CA ARG A 357 0.06 -8.53 -5.92
C ARG A 357 1.55 -8.79 -6.07
N GLU A 358 1.97 -9.51 -7.10
CA GLU A 358 3.39 -9.72 -7.34
C GLU A 358 4.07 -8.44 -7.84
N LYS A 359 3.30 -7.48 -8.32
CA LYS A 359 3.84 -6.18 -8.73
C LYS A 359 3.58 -5.07 -7.72
N ILE A 360 2.53 -5.21 -6.91
CA ILE A 360 2.34 -4.30 -5.78
C ILE A 360 3.47 -4.48 -4.77
N SER A 361 4.07 -5.68 -4.73
CA SER A 361 5.17 -5.93 -3.82
C SER A 361 6.37 -5.03 -4.10
N SER A 362 6.56 -4.63 -5.37
CA SER A 362 7.68 -3.77 -5.71
C SER A 362 7.54 -2.38 -5.10
N CYS A 363 6.32 -1.97 -4.75
CA CYS A 363 6.12 -0.69 -4.07
C CYS A 363 6.52 -0.74 -2.60
N ALA A 364 6.68 -1.93 -2.04
CA ALA A 364 7.16 -2.03 -0.66
C ALA A 364 8.58 -1.49 -0.56
N GLY A 365 8.88 -0.87 0.59
CA GLY A 365 10.11 -0.15 0.78
C GLY A 365 10.06 1.30 0.36
N LYS A 366 9.11 1.67 -0.50
CA LYS A 366 8.87 3.05 -0.89
C LYS A 366 7.57 3.60 -0.31
N LEU A 367 6.49 2.82 -0.38
CA LEU A 367 5.21 3.18 0.19
C LEU A 367 4.96 2.36 1.45
N ASP A 368 4.10 2.90 2.32
CA ASP A 368 3.72 2.18 3.54
C ASP A 368 2.73 1.06 3.25
N GLY A 369 2.05 1.09 2.11
CA GLY A 369 1.10 0.05 1.79
C GLY A 369 0.43 0.32 0.47
N SER A 370 -0.71 -0.33 0.27
CA SER A 370 -1.48 -0.15 -0.96
C SER A 370 -2.93 -0.57 -0.70
N LEU A 371 -3.77 -0.33 -1.70
CA LEU A 371 -5.17 -0.74 -1.66
C LEU A 371 -5.28 -2.17 -2.14
N ASP A 372 -5.90 -3.02 -1.33
CA ASP A 372 -6.00 -4.45 -1.63
C ASP A 372 -7.11 -4.66 -2.65
N PHE A 373 -6.77 -4.55 -3.93
CA PHE A 373 -7.73 -4.84 -4.98
C PHE A 373 -8.02 -6.34 -5.06
N GLY A 374 -7.05 -7.18 -4.71
CA GLY A 374 -7.32 -8.61 -4.61
C GLY A 374 -8.36 -8.93 -3.56
N PHE A 375 -8.42 -8.12 -2.49
CA PHE A 375 -9.52 -8.24 -1.54
C PHE A 375 -10.85 -7.92 -2.20
N HIS A 376 -10.90 -6.82 -2.96
CA HIS A 376 -12.14 -6.43 -3.64
C HIS A 376 -12.57 -7.49 -4.65
N ASP A 377 -11.65 -7.88 -5.55
CA ASP A 377 -12.00 -8.81 -6.62
C ASP A 377 -12.45 -10.16 -6.04
N THR A 378 -11.72 -10.68 -5.05
CA THR A 378 -12.04 -11.96 -4.45
C THR A 378 -12.96 -11.85 -3.23
N PHE A 379 -13.78 -10.80 -3.17
CA PHE A 379 -14.86 -10.69 -2.21
C PHE A 379 -16.21 -10.47 -2.87
N LYS A 380 -16.25 -9.73 -3.98
CA LYS A 380 -17.47 -9.67 -4.77
C LYS A 380 -17.81 -11.03 -5.35
N GLY A 381 -16.82 -11.71 -5.93
CA GLY A 381 -17.04 -13.02 -6.52
C GLY A 381 -17.40 -14.08 -5.51
N THR A 382 -17.17 -13.83 -4.23
CA THR A 382 -17.47 -14.78 -3.17
C THR A 382 -18.76 -14.44 -2.42
N PHE A 383 -18.89 -13.21 -1.93
CA PHE A 383 -20.03 -12.82 -1.13
C PHE A 383 -21.15 -12.16 -1.92
N ALA A 384 -20.85 -11.56 -3.08
CA ALA A 384 -21.88 -10.95 -3.92
C ALA A 384 -22.21 -11.77 -5.15
N PHE A 385 -21.29 -12.61 -5.63
CA PHE A 385 -21.53 -13.47 -6.79
C PHE A 385 -21.60 -14.94 -6.43
N ASP A 386 -21.70 -15.25 -5.13
CA ASP A 386 -21.75 -16.61 -4.62
C ASP A 386 -20.57 -17.43 -5.13
N GLY A 387 -19.41 -17.30 -4.47
CA GLY A 387 -18.24 -18.07 -4.78
C GLY A 387 -17.87 -19.03 -3.67
N SER A 388 -16.60 -19.40 -3.65
CA SER A 388 -16.06 -20.28 -2.62
C SER A 388 -15.37 -19.47 -1.55
N MET A 389 -15.54 -19.88 -0.29
CA MET A 389 -14.80 -19.26 0.80
C MET A 389 -13.32 -19.60 0.76
N GLN A 390 -12.91 -20.53 -0.10
CA GLN A 390 -11.48 -20.80 -0.26
C GLN A 390 -10.77 -19.64 -0.95
N SER A 391 -11.40 -19.04 -1.96
CA SER A 391 -10.83 -17.88 -2.62
C SER A 391 -10.66 -16.71 -1.65
N VAL A 392 -11.40 -16.72 -0.54
CA VAL A 392 -11.12 -15.80 0.55
C VAL A 392 -9.87 -16.23 1.30
N VAL A 393 -9.76 -17.52 1.60
CA VAL A 393 -8.57 -18.02 2.30
C VAL A 393 -7.37 -18.01 1.37
N ASN A 394 -7.57 -18.39 0.10
CA ASN A 394 -6.49 -18.34 -0.88
C ASN A 394 -6.00 -16.91 -1.14
N TYR A 395 -6.79 -15.90 -0.76
CA TYR A 395 -6.34 -14.51 -0.83
C TYR A 395 -5.54 -14.11 0.41
N VAL A 396 -6.02 -14.47 1.61
CA VAL A 396 -5.31 -14.09 2.83
C VAL A 396 -3.98 -14.83 2.93
N GLU A 397 -3.94 -16.08 2.50
CA GLU A 397 -2.72 -16.87 2.61
C GLU A 397 -1.61 -16.34 1.71
N GLU A 398 -1.97 -15.91 0.50
CA GLU A 398 -0.97 -15.42 -0.44
C GLU A 398 -0.52 -14.00 -0.13
N ASN A 399 -1.28 -13.25 0.66
CA ASN A 399 -0.82 -11.95 1.12
C ASN A 399 0.31 -12.10 2.15
N GLU A 400 0.18 -13.08 3.04
CA GLU A 400 1.22 -13.33 4.03
C GLU A 400 2.50 -13.80 3.37
N ALA A 401 2.40 -14.61 2.32
CA ALA A 401 3.56 -15.21 1.69
C ALA A 401 4.26 -14.29 0.70
N GLU A 402 3.62 -13.21 0.28
CA GLU A 402 4.18 -12.32 -0.74
C GLU A 402 4.54 -10.94 -0.21
N TYR A 403 3.71 -10.36 0.65
CA TYR A 403 3.90 -9.00 1.12
C TYR A 403 4.85 -8.95 2.31
N HIS A 404 5.63 -7.87 2.37
CA HIS A 404 6.45 -7.57 3.53
C HIS A 404 5.54 -7.37 4.75
N PRO A 405 5.98 -7.80 5.94
CA PRO A 405 5.11 -7.69 7.12
C PRO A 405 4.71 -6.25 7.47
N GLU A 406 5.55 -5.27 7.14
CA GLU A 406 5.22 -3.88 7.39
C GLU A 406 4.30 -3.28 6.33
N TYR A 407 4.16 -3.93 5.18
CA TYR A 407 3.27 -3.43 4.14
C TYR A 407 1.82 -3.55 4.59
N ILE A 408 1.06 -2.45 4.47
CA ILE A 408 -0.30 -2.37 4.98
C ILE A 408 -1.26 -2.42 3.80
N MET A 409 -2.03 -3.50 3.70
CA MET A 409 -3.03 -3.66 2.65
C MET A 409 -4.36 -3.13 3.17
N THR A 410 -4.81 -2.02 2.60
CA THR A 410 -6.10 -1.44 2.96
C THR A 410 -7.21 -2.15 2.18
N THR A 411 -8.10 -2.82 2.91
CA THR A 411 -9.16 -3.60 2.29
C THR A 411 -10.42 -2.77 2.15
N PHE A 412 -11.18 -3.05 1.08
CA PHE A 412 -12.40 -2.32 0.79
C PHE A 412 -13.34 -3.21 -0.01
N LEU A 413 -14.63 -2.90 0.07
CA LEU A 413 -15.64 -3.59 -0.73
C LEU A 413 -16.10 -2.78 -1.93
N ASP A 414 -16.13 -1.45 -1.82
CA ASP A 414 -16.57 -0.58 -2.89
C ASP A 414 -15.48 0.45 -3.20
N ASN A 415 -15.71 1.19 -4.28
CA ASN A 415 -14.84 2.29 -4.66
C ASN A 415 -15.69 3.37 -5.32
N HIS A 416 -15.09 4.54 -5.49
CA HIS A 416 -15.67 5.53 -6.38
C HIS A 416 -15.56 5.12 -7.84
N ASP A 417 -14.82 4.04 -8.13
CA ASP A 417 -14.63 3.54 -9.48
C ASP A 417 -15.21 2.16 -9.71
N LEU A 418 -15.57 1.42 -8.64
CA LEU A 418 -16.13 0.09 -8.77
C LEU A 418 -17.59 0.06 -8.31
N PRO A 419 -18.39 -0.86 -8.84
CA PRO A 419 -19.80 -0.93 -8.42
C PRO A 419 -19.95 -1.21 -6.94
N ARG A 420 -21.03 -0.67 -6.37
CA ARG A 420 -21.34 -0.86 -4.97
C ARG A 420 -21.55 -2.35 -4.66
N PHE A 421 -21.18 -2.74 -3.43
CA PHE A 421 -21.34 -4.14 -3.04
C PHE A 421 -22.81 -4.53 -2.93
N LEU A 422 -23.64 -3.64 -2.37
CA LEU A 422 -25.05 -3.96 -2.21
C LEU A 422 -25.73 -4.19 -3.55
N TYR A 423 -25.36 -3.41 -4.57
CA TYR A 423 -25.95 -3.59 -5.89
C TYR A 423 -25.43 -4.85 -6.57
N GLU A 424 -24.16 -5.19 -6.36
CA GLU A 424 -23.63 -6.44 -6.92
C GLU A 424 -24.13 -7.66 -6.16
N ALA A 425 -24.62 -7.47 -4.93
CA ALA A 425 -25.21 -8.54 -4.15
C ALA A 425 -26.74 -8.52 -4.18
N GLY A 426 -27.32 -7.80 -5.14
CA GLY A 426 -28.76 -7.76 -5.29
C GLY A 426 -29.50 -7.10 -4.15
N ASN A 427 -28.89 -6.10 -3.51
CA ASN A 427 -29.46 -5.40 -2.35
C ASN A 427 -29.78 -6.36 -1.20
N ASN A 428 -29.20 -7.56 -1.22
CA ASN A 428 -29.37 -8.53 -0.14
C ASN A 428 -28.39 -8.16 0.97
N THR A 429 -28.87 -7.35 1.92
CA THR A 429 -28.00 -6.80 2.95
C THR A 429 -27.44 -7.89 3.87
N ASP A 430 -28.00 -9.10 3.84
CA ASP A 430 -27.43 -10.20 4.60
C ASP A 430 -26.06 -10.59 4.06
N LYS A 431 -25.85 -10.45 2.74
CA LYS A 431 -24.54 -10.72 2.17
C LYS A 431 -23.56 -9.60 2.51
N LEU A 432 -24.02 -8.35 2.51
CA LEU A 432 -23.15 -7.24 2.91
C LEU A 432 -22.79 -7.32 4.39
N LYS A 433 -23.70 -7.83 5.22
CA LYS A 433 -23.36 -8.05 6.62
C LYS A 433 -22.26 -9.09 6.77
N LEU A 434 -22.29 -10.13 5.93
CA LEU A 434 -21.25 -11.17 5.97
C LEU A 434 -19.92 -10.60 5.50
N ALA A 435 -19.90 -9.86 4.40
CA ALA A 435 -18.66 -9.32 3.88
C ALA A 435 -18.06 -8.29 4.82
N SER A 436 -18.88 -7.37 5.32
CA SER A 436 -18.37 -6.36 6.25
C SER A 436 -17.89 -6.99 7.55
N PHE A 437 -18.55 -8.06 8.01
CA PHE A 437 -18.10 -8.76 9.20
C PHE A 437 -16.80 -9.51 8.93
N THR A 438 -16.76 -10.28 7.83
CA THR A 438 -15.55 -11.03 7.50
C THR A 438 -14.36 -10.11 7.27
N GLN A 439 -14.61 -8.92 6.71
CA GLN A 439 -13.53 -7.97 6.48
C GLN A 439 -12.93 -7.50 7.80
N PHE A 440 -13.77 -7.05 8.74
CA PHE A 440 -13.29 -6.56 10.02
C PHE A 440 -12.77 -7.67 10.92
N MET A 441 -12.87 -8.93 10.51
CA MET A 441 -12.27 -10.04 11.24
C MET A 441 -11.07 -10.62 10.51
N LEU A 442 -10.60 -9.96 9.45
CA LEU A 442 -9.46 -10.37 8.66
C LEU A 442 -8.33 -9.36 8.79
N PRO A 443 -7.08 -9.79 8.56
CA PRO A 443 -5.97 -8.84 8.64
C PRO A 443 -6.05 -7.78 7.55
N GLY A 444 -5.57 -6.58 7.89
CA GLY A 444 -5.54 -5.45 7.00
C GLY A 444 -6.13 -4.22 7.67
N SER A 445 -6.25 -3.15 6.89
CA SER A 445 -6.83 -1.90 7.36
C SER A 445 -8.16 -1.66 6.65
N PRO A 446 -9.30 -1.86 7.31
CA PRO A 446 -10.59 -1.76 6.60
C PRO A 446 -10.89 -0.33 6.18
N VAL A 447 -11.39 -0.20 4.95
CA VAL A 447 -11.84 1.09 4.42
C VAL A 447 -13.34 0.98 4.16
N ILE A 448 -14.08 2.00 4.59
CA ILE A 448 -15.53 2.03 4.46
C ILE A 448 -15.88 3.14 3.47
N TYR A 449 -16.38 2.76 2.30
CA TYR A 449 -16.91 3.75 1.38
C TYR A 449 -18.10 4.46 2.03
N TYR A 450 -18.24 5.77 1.74
CA TYR A 450 -18.98 6.64 2.62
C TYR A 450 -20.43 6.20 2.84
N GLY A 451 -21.06 5.56 1.86
CA GLY A 451 -22.48 5.29 2.00
C GLY A 451 -22.83 3.88 2.44
N THR A 452 -21.84 3.00 2.56
CA THR A 452 -22.12 1.57 2.71
C THR A 452 -22.84 1.25 4.02
N GLU A 453 -22.57 2.00 5.09
CA GLU A 453 -23.11 1.64 6.38
C GLU A 453 -24.60 1.91 6.51
N VAL A 454 -25.17 2.72 5.63
CA VAL A 454 -26.60 3.03 5.67
C VAL A 454 -27.34 2.44 4.48
N GLY A 455 -26.70 1.51 3.76
CA GLY A 455 -27.35 0.86 2.63
C GLY A 455 -27.36 1.65 1.35
N LEU A 456 -26.53 2.69 1.23
CA LEU A 456 -26.45 3.45 -0.01
C LEU A 456 -25.92 2.57 -1.13
N SER A 457 -26.65 2.53 -2.25
CA SER A 457 -26.30 1.65 -3.35
C SER A 457 -26.33 2.40 -4.68
N GLN A 458 -26.93 1.78 -5.70
CA GLN A 458 -27.01 2.36 -7.04
C GLN A 458 -28.47 2.52 -7.43
N SER A 459 -28.83 3.72 -7.87
CA SER A 459 -30.18 4.00 -8.34
C SER A 459 -30.39 3.62 -9.80
N ALA A 460 -29.40 2.99 -10.43
CA ALA A 460 -29.52 2.57 -11.82
C ALA A 460 -28.47 1.50 -12.10
N ASN A 461 -28.60 0.87 -13.27
CA ASN A 461 -27.67 -0.17 -13.70
C ASN A 461 -26.52 0.46 -14.47
N HIS A 462 -25.29 0.10 -14.10
CA HIS A 462 -24.12 0.65 -14.77
C HIS A 462 -23.87 0.02 -16.13
N HIS A 463 -24.25 -1.25 -16.31
CA HIS A 463 -24.07 -1.90 -17.62
C HIS A 463 -24.89 -1.22 -18.70
N GLU A 464 -25.96 -0.51 -18.33
CA GLU A 464 -26.78 0.21 -19.29
C GLU A 464 -26.09 1.44 -19.87
N PHE A 465 -24.94 1.83 -19.33
CA PHE A 465 -24.33 3.10 -19.67
C PHE A 465 -22.96 2.91 -20.30
N ASN A 466 -22.26 4.03 -20.50
CA ASN A 466 -20.96 4.05 -21.14
C ASN A 466 -20.21 5.29 -20.66
N ASP A 467 -18.89 5.18 -20.62
CA ASP A 467 -18.00 6.25 -20.15
C ASP A 467 -18.31 6.59 -18.70
N TRP A 468 -19.48 7.18 -18.44
CA TRP A 468 -19.84 7.59 -17.08
C TRP A 468 -20.68 6.52 -16.36
N LYS A 469 -20.16 5.30 -16.34
CA LYS A 469 -20.78 4.25 -15.53
C LYS A 469 -20.64 4.53 -14.04
N ASP A 470 -19.64 5.32 -13.64
CA ASP A 470 -19.34 5.59 -12.24
C ASP A 470 -20.24 6.65 -11.62
N ARG A 471 -21.29 7.10 -12.32
CA ARG A 471 -22.29 7.95 -11.69
C ARG A 471 -22.85 7.29 -10.43
N TRP A 472 -23.23 6.02 -10.57
CA TRP A 472 -24.03 5.32 -9.58
C TRP A 472 -23.22 4.77 -8.43
N TYR A 473 -21.90 4.85 -8.48
CA TYR A 473 -21.06 4.56 -7.33
C TYR A 473 -20.83 5.79 -6.48
N ARG A 474 -21.18 6.96 -6.98
CA ARG A 474 -20.94 8.24 -6.33
C ARG A 474 -22.25 8.99 -6.09
N GLU A 475 -23.29 8.25 -5.69
CA GLU A 475 -24.56 8.87 -5.37
C GLU A 475 -24.48 9.56 -4.01
N PHE A 476 -25.46 10.42 -3.74
CA PHE A 476 -25.39 11.27 -2.56
C PHE A 476 -25.69 10.47 -1.30
N MET A 477 -24.99 10.81 -0.22
CA MET A 477 -25.22 10.17 1.07
C MET A 477 -26.63 10.48 1.56
N ILE A 478 -27.27 9.47 2.14
CA ILE A 478 -28.63 9.60 2.66
C ILE A 478 -28.55 9.89 4.15
N TRP A 479 -29.25 10.95 4.59
CA TRP A 479 -29.28 11.34 5.99
C TRP A 479 -30.65 11.23 6.64
N ASP A 480 -31.72 11.15 5.84
CA ASP A 480 -33.05 10.91 6.40
C ASP A 480 -33.07 9.56 7.08
N GLU A 481 -33.20 9.56 8.42
CA GLU A 481 -33.09 8.33 9.20
C GLU A 481 -34.18 7.32 8.89
N GLU A 482 -35.24 7.72 8.17
CA GLU A 482 -36.19 6.75 7.67
C GLU A 482 -35.65 6.03 6.44
N GLU A 483 -34.98 6.77 5.55
CA GLU A 483 -34.42 6.18 4.34
C GLU A 483 -33.11 5.45 4.60
N GLN A 484 -32.47 5.70 5.75
CA GLN A 484 -31.24 5.00 6.09
C GLN A 484 -31.55 3.59 6.56
N ASP A 485 -30.59 2.69 6.35
CA ASP A 485 -30.68 1.31 6.84
C ASP A 485 -30.01 1.27 8.22
N ARG A 486 -30.79 1.64 9.24
CA ARG A 486 -30.24 1.73 10.58
C ARG A 486 -29.77 0.39 11.10
N GLU A 487 -30.34 -0.71 10.60
CA GLU A 487 -29.84 -2.04 10.95
C GLU A 487 -28.43 -2.24 10.45
N LEU A 488 -28.13 -1.74 9.25
CA LEU A 488 -26.78 -1.84 8.70
C LEU A 488 -25.82 -0.92 9.45
N LEU A 489 -26.28 0.26 9.85
CA LEU A 489 -25.44 1.18 10.60
C LEU A 489 -25.06 0.60 11.95
N THR A 490 -26.05 0.12 12.71
CA THR A 490 -25.77 -0.53 13.98
C THR A 490 -24.95 -1.79 13.80
N HIS A 491 -24.96 -2.39 12.62
CA HIS A 491 -24.09 -3.52 12.33
C HIS A 491 -22.65 -3.07 12.15
N TYR A 492 -22.44 -2.00 11.37
CA TYR A 492 -21.09 -1.50 11.15
C TYR A 492 -20.48 -0.95 12.43
N GLN A 493 -21.29 -0.28 13.26
CA GLN A 493 -20.77 0.23 14.52
C GLN A 493 -20.33 -0.90 15.45
N ASP A 494 -20.99 -2.06 15.38
CA ASP A 494 -20.67 -3.16 16.27
C ASP A 494 -19.47 -3.95 15.78
N ILE A 495 -19.33 -4.14 14.46
CA ILE A 495 -18.16 -4.83 13.94
C ILE A 495 -16.92 -3.97 14.04
N ILE A 496 -17.08 -2.66 14.22
CA ILE A 496 -15.94 -1.78 14.45
C ILE A 496 -15.48 -1.85 15.90
N GLU A 497 -16.44 -1.74 16.84
CA GLU A 497 -16.09 -1.76 18.25
C GLU A 497 -15.41 -3.07 18.65
N LEU A 498 -15.73 -4.17 17.95
CA LEU A 498 -15.04 -5.43 18.21
C LEU A 498 -13.59 -5.37 17.74
N ARG A 499 -13.38 -4.99 16.47
CA ARG A 499 -12.03 -4.93 15.93
C ARG A 499 -11.18 -3.90 16.66
N GLN A 500 -11.79 -2.78 17.05
CA GLN A 500 -11.07 -1.74 17.77
C GLN A 500 -10.81 -2.07 19.23
N ASN A 501 -11.35 -3.20 19.72
CA ASN A 501 -11.11 -3.63 21.10
C ASN A 501 -10.49 -5.02 21.18
N HIS A 502 -9.93 -5.51 20.06
CA HIS A 502 -9.26 -6.80 20.03
C HIS A 502 -8.05 -6.66 19.12
N SER A 503 -6.86 -6.56 19.72
CA SER A 503 -5.64 -6.35 18.94
C SER A 503 -5.35 -7.54 18.04
N ALA A 504 -5.82 -8.73 18.40
CA ALA A 504 -5.61 -9.90 17.56
C ALA A 504 -6.38 -9.79 16.24
N LEU A 505 -7.48 -9.04 16.23
CA LEU A 505 -8.26 -8.87 15.01
C LEU A 505 -7.61 -7.88 14.04
N ARG A 506 -6.72 -7.02 14.52
CA ARG A 506 -6.06 -6.05 13.65
C ARG A 506 -4.70 -6.57 13.21
N THR A 507 -3.78 -6.72 14.17
CA THR A 507 -2.42 -7.13 13.86
C THR A 507 -2.12 -8.51 14.43
N GLY A 508 -2.91 -9.50 14.04
CA GLY A 508 -2.72 -10.85 14.53
C GLY A 508 -2.58 -11.85 13.39
N ASP A 509 -1.85 -12.92 13.67
CA ASP A 509 -1.64 -13.97 12.68
C ASP A 509 -2.97 -14.63 12.31
N PHE A 510 -3.04 -15.11 11.07
CA PHE A 510 -4.25 -15.73 10.54
C PHE A 510 -4.00 -17.21 10.32
N HIS A 511 -4.98 -18.04 10.70
CA HIS A 511 -4.89 -19.47 10.51
C HIS A 511 -6.28 -20.02 10.23
N ALA A 512 -6.44 -20.70 9.11
CA ALA A 512 -7.70 -21.34 8.75
C ALA A 512 -7.72 -22.79 9.24
N HIS A 513 -8.85 -23.17 9.84
CA HIS A 513 -9.07 -24.52 10.35
C HIS A 513 -9.85 -25.37 9.35
N SER A 514 -11.12 -25.03 9.12
CA SER A 514 -11.92 -25.71 8.13
C SER A 514 -12.63 -24.68 7.26
N ALA A 515 -12.89 -25.05 6.00
CA ALA A 515 -13.53 -24.14 5.06
C ALA A 515 -14.06 -24.93 3.88
N THR A 516 -15.35 -24.75 3.59
CA THR A 516 -15.96 -25.27 2.38
C THR A 516 -16.43 -24.08 1.54
N ARG A 517 -17.12 -24.37 0.45
CA ARG A 517 -17.86 -23.32 -0.24
C ARG A 517 -19.00 -22.85 0.66
N ASP A 518 -19.21 -21.54 0.69
CA ASP A 518 -20.15 -20.87 1.58
C ASP A 518 -20.10 -21.42 3.00
N ALA A 519 -18.87 -21.51 3.54
CA ALA A 519 -18.61 -21.89 4.93
C ALA A 519 -17.13 -21.73 5.25
N LEU A 520 -16.82 -21.09 6.39
CA LEU A 520 -15.43 -20.85 6.75
C LEU A 520 -15.31 -20.62 8.25
N VAL A 521 -14.33 -21.28 8.87
CA VAL A 521 -13.94 -21.00 10.25
C VAL A 521 -12.42 -20.80 10.28
N PHE A 522 -11.98 -19.81 11.05
CA PHE A 522 -10.55 -19.53 11.17
C PHE A 522 -10.28 -18.88 12.51
N GLU A 523 -9.00 -18.70 12.82
CA GLU A 523 -8.58 -18.10 14.08
C GLU A 523 -7.64 -16.93 13.80
N ARG A 524 -7.46 -16.10 14.83
CA ARG A 524 -6.57 -14.94 14.75
C ARG A 524 -5.63 -14.98 15.96
N SER A 525 -4.40 -15.42 15.71
CA SER A 525 -3.42 -15.56 16.79
C SER A 525 -2.92 -14.20 17.25
N ASN A 526 -2.18 -14.22 18.36
CA ASN A 526 -1.58 -13.02 18.93
C ASN A 526 -0.63 -13.44 20.05
N GLU A 527 -0.34 -12.54 20.98
CA GLU A 527 0.41 -12.87 22.18
C GLU A 527 -0.35 -12.55 23.46
N ASP A 528 -1.52 -11.91 23.36
CA ASP A 528 -2.34 -11.59 24.51
C ASP A 528 -3.71 -12.26 24.48
N GLU A 529 -4.17 -12.72 23.33
CA GLU A 529 -5.50 -13.34 23.21
C GLU A 529 -5.58 -14.07 21.90
N ARG A 530 -6.58 -14.96 21.80
CA ARG A 530 -6.92 -15.64 20.56
C ARG A 530 -8.41 -15.53 20.31
N LEU A 531 -8.79 -15.62 19.04
CA LEU A 531 -10.19 -15.54 18.64
C LEU A 531 -10.47 -16.57 17.56
N ILE A 532 -11.73 -16.99 17.48
CA ILE A 532 -12.21 -17.91 16.46
C ILE A 532 -13.37 -17.24 15.74
N VAL A 533 -13.32 -17.23 14.41
CA VAL A 533 -14.35 -16.60 13.58
C VAL A 533 -15.03 -17.68 12.75
N ALA A 534 -16.36 -17.59 12.65
CA ALA A 534 -17.15 -18.53 11.87
C ALA A 534 -18.12 -17.74 11.00
N VAL A 535 -18.10 -18.02 9.70
CA VAL A 535 -18.94 -17.30 8.72
C VAL A 535 -19.47 -18.32 7.71
N ASN A 536 -20.77 -18.25 7.44
CA ASN A 536 -21.41 -19.09 6.44
C ASN A 536 -22.43 -18.26 5.67
N LYS A 537 -22.35 -18.28 4.35
CA LYS A 537 -23.29 -17.56 3.50
C LYS A 537 -24.27 -18.50 2.79
N GLY A 538 -24.33 -19.77 3.20
CA GLY A 538 -25.24 -20.71 2.59
C GLY A 538 -26.14 -21.37 3.62
N ALA A 539 -26.29 -22.69 3.52
CA ALA A 539 -27.07 -23.43 4.49
C ALA A 539 -26.24 -23.72 5.74
N GLU A 540 -26.90 -24.24 6.76
CA GLU A 540 -26.22 -24.60 8.00
C GLU A 540 -25.31 -25.81 7.75
N ALA A 541 -24.15 -25.80 8.42
CA ALA A 541 -23.19 -26.89 8.26
C ALA A 541 -22.31 -26.95 9.51
N VAL A 542 -21.47 -27.98 9.55
CA VAL A 542 -20.52 -28.19 10.64
C VAL A 542 -19.10 -28.20 10.06
N LEU A 543 -18.20 -27.48 10.71
CA LEU A 543 -16.81 -27.39 10.28
C LEU A 543 -15.91 -27.87 11.42
N ALA A 544 -14.84 -28.58 11.06
CA ALA A 544 -13.98 -29.27 12.01
C ALA A 544 -12.89 -28.32 12.49
N ILE A 545 -12.94 -27.97 13.77
CA ILE A 545 -11.85 -27.23 14.41
C ILE A 545 -10.69 -28.19 14.68
N ASP A 546 -9.47 -27.68 14.58
CA ASP A 546 -8.28 -28.47 14.88
C ASP A 546 -8.29 -28.97 16.33
N GLU A 547 -8.06 -28.06 17.26
CA GLU A 547 -8.03 -28.40 18.68
C GLU A 547 -9.45 -28.41 19.25
N GLU A 548 -9.55 -28.68 20.55
CA GLU A 548 -10.81 -28.59 21.29
C GLU A 548 -10.64 -27.59 22.41
N LEU A 549 -11.51 -26.58 22.46
CA LEU A 549 -11.37 -25.51 23.42
C LEU A 549 -12.70 -24.82 23.61
N GLU A 550 -12.94 -24.34 24.83
CA GLU A 550 -14.14 -23.54 25.09
C GLU A 550 -14.00 -22.16 24.45
N LEU A 551 -15.14 -21.61 24.05
CA LEU A 551 -15.20 -20.35 23.33
C LEU A 551 -16.06 -19.35 24.11
N GLU A 552 -16.26 -18.17 23.51
CA GLU A 552 -17.09 -17.15 24.13
C GLU A 552 -17.56 -16.19 23.03
N ASN A 553 -18.82 -16.32 22.62
CA ASN A 553 -19.41 -15.41 21.67
C ASN A 553 -19.33 -13.98 22.19
N LEU A 554 -18.50 -13.15 21.55
CA LEU A 554 -18.25 -11.81 22.06
C LEU A 554 -19.50 -10.94 22.04
N VAL A 555 -20.49 -11.27 21.21
CA VAL A 555 -21.74 -10.52 21.16
C VAL A 555 -22.62 -10.96 22.33
N THR A 556 -23.09 -12.21 22.29
CA THR A 556 -23.88 -12.79 23.37
C THR A 556 -22.92 -13.48 24.32
N GLY A 557 -22.66 -12.84 25.46
CA GLY A 557 -21.67 -13.33 26.41
C GLY A 557 -21.89 -14.74 26.93
N GLU A 558 -21.94 -15.70 26.02
CA GLU A 558 -22.09 -17.11 26.34
C GLU A 558 -20.75 -17.82 26.19
N ARG A 559 -20.77 -19.15 26.35
CA ARG A 559 -19.59 -19.98 26.18
C ARG A 559 -19.99 -21.28 25.50
N MET A 560 -18.97 -22.05 25.11
CA MET A 560 -19.17 -23.27 24.33
C MET A 560 -17.90 -24.11 24.28
N THR A 561 -17.88 -25.21 25.03
CA THR A 561 -16.74 -26.12 25.03
C THR A 561 -17.01 -27.24 24.03
N GLY A 562 -16.16 -27.36 23.01
CA GLY A 562 -16.35 -28.39 22.01
C GLY A 562 -15.20 -28.41 21.03
N ASP A 563 -15.16 -29.50 20.25
CA ASP A 563 -14.16 -29.68 19.21
C ASP A 563 -14.67 -29.28 17.82
N GLU A 564 -15.98 -29.14 17.65
CA GLU A 564 -16.57 -28.66 16.41
C GLU A 564 -17.63 -27.62 16.76
N LEU A 565 -18.27 -27.07 15.74
CA LEU A 565 -19.36 -26.12 15.95
C LEU A 565 -20.20 -26.04 14.68
N THR A 566 -21.50 -25.82 14.87
CA THR A 566 -22.47 -25.79 13.77
C THR A 566 -22.77 -24.32 13.44
N VAL A 567 -22.09 -23.80 12.42
CA VAL A 567 -22.30 -22.42 12.00
C VAL A 567 -23.66 -22.31 11.32
N GLY A 568 -24.41 -21.26 11.66
CA GLY A 568 -25.75 -21.08 11.15
C GLY A 568 -25.76 -20.72 9.67
N ALA A 569 -26.99 -20.59 9.14
CA ALA A 569 -27.20 -20.27 7.74
C ALA A 569 -27.30 -18.76 7.56
N ASN A 570 -26.48 -18.22 6.65
CA ASN A 570 -26.36 -16.77 6.45
C ASN A 570 -26.13 -16.05 7.77
N SER A 571 -25.37 -16.70 8.65
CA SER A 571 -25.08 -16.19 9.98
C SER A 571 -23.56 -16.18 10.19
N PHE A 572 -23.15 -15.51 11.27
CA PHE A 572 -21.73 -15.33 11.54
C PHE A 572 -21.55 -14.99 13.01
N ALA A 573 -20.37 -15.29 13.54
CA ALA A 573 -20.03 -14.99 14.91
C ALA A 573 -18.52 -15.10 15.07
N VAL A 574 -18.01 -14.43 16.11
CA VAL A 574 -16.59 -14.48 16.45
C VAL A 574 -16.47 -14.86 17.93
N TYR A 575 -15.73 -15.93 18.20
CA TYR A 575 -15.58 -16.46 19.54
C TYR A 575 -14.17 -16.20 20.06
N GLN A 576 -14.05 -15.86 21.33
CA GLN A 576 -12.77 -15.67 21.99
C GLN A 576 -12.45 -16.90 22.82
N VAL A 577 -11.35 -17.58 22.49
CA VAL A 577 -10.93 -18.71 23.30
C VAL A 577 -10.37 -18.20 24.63
N VAL A 578 -10.40 -19.07 25.64
CA VAL A 578 -9.89 -18.76 26.97
C VAL A 578 -8.70 -19.67 27.23
N GLU A 579 -7.51 -19.07 27.35
CA GLU A 579 -6.29 -19.82 27.56
C GLU A 579 -5.39 -19.06 28.53
N GLU A 580 -4.97 -19.75 29.59
CA GLU A 580 -3.98 -19.20 30.53
C GLU A 580 -2.57 -19.41 29.98
N GLU A 581 -2.37 -18.89 28.76
CA GLU A 581 -1.10 -19.07 28.06
C GLU A 581 0.00 -18.32 28.79
N LYS A 582 0.98 -19.05 29.31
CA LYS A 582 2.13 -18.43 29.96
C LYS A 582 2.88 -17.56 28.97
N ASP A 583 2.91 -16.25 29.24
CA ASP A 583 3.55 -15.31 28.33
C ASP A 583 5.05 -15.55 28.26
N ILE A 584 5.70 -14.86 27.33
CA ILE A 584 7.14 -15.01 27.14
C ILE A 584 7.87 -14.51 28.36
N GLU A 585 8.81 -15.31 28.86
CA GLU A 585 9.58 -14.94 30.04
C GLU A 585 11.07 -15.03 29.78
N HIS A 586 11.48 -15.94 28.89
CA HIS A 586 12.90 -16.13 28.59
C HIS A 586 13.05 -16.63 27.16
N VAL A 587 13.99 -16.04 26.43
CA VAL A 587 14.30 -16.43 25.06
C VAL A 587 15.81 -16.61 24.95
N ALA A 588 16.23 -17.78 24.47
CA ALA A 588 17.65 -18.07 24.28
C ALA A 588 17.93 -18.36 22.81
N LEU A 589 19.22 -18.35 22.47
CA LEU A 589 19.69 -18.47 21.09
C LEU A 589 20.56 -19.72 20.99
N ARG A 590 20.09 -20.72 20.26
CA ARG A 590 20.73 -22.03 20.19
C ARG A 590 21.21 -22.28 18.76
N GLY A 591 22.52 -22.27 18.55
CA GLY A 591 23.06 -22.61 17.24
C GLY A 591 24.20 -21.75 16.76
N VAL A 592 24.40 -20.59 17.37
CA VAL A 592 25.46 -19.67 16.94
C VAL A 592 26.77 -19.96 17.68
N HIS A 593 26.74 -19.98 19.01
CA HIS A 593 27.91 -20.32 19.81
C HIS A 593 27.73 -21.71 20.39
N ALA A 594 28.73 -22.14 21.19
CA ALA A 594 28.72 -23.50 21.71
C ALA A 594 27.53 -23.75 22.62
N GLN A 595 27.19 -22.78 23.47
CA GLN A 595 26.10 -22.90 24.41
C GLN A 595 25.03 -21.85 24.11
N ASP A 596 23.83 -22.07 24.66
CA ASP A 596 22.72 -21.17 24.38
C ASP A 596 22.99 -19.78 24.92
N ILE A 597 22.66 -18.77 24.13
CA ILE A 597 22.84 -17.37 24.50
C ILE A 597 21.49 -16.81 24.87
N ALA A 598 21.33 -16.42 26.14
CA ALA A 598 20.05 -15.87 26.59
C ALA A 598 19.88 -14.44 26.08
N LEU A 599 18.74 -14.17 25.47
CA LEU A 599 18.45 -12.85 24.94
C LEU A 599 17.79 -11.98 26.00
N SER A 600 17.86 -10.67 25.80
CA SER A 600 17.25 -9.69 26.69
C SER A 600 16.11 -8.98 25.97
N TYR A 601 15.03 -8.71 26.71
CA TYR A 601 13.84 -8.10 26.14
C TYR A 601 14.01 -6.60 26.02
N ASP A 602 13.42 -6.03 24.97
CA ASP A 602 13.38 -4.60 24.74
C ASP A 602 11.93 -4.14 24.87
N GLU A 603 11.65 -3.31 25.87
CA GLU A 603 10.28 -2.91 26.15
C GLU A 603 9.79 -1.84 25.18
N ALA A 604 10.68 -0.99 24.67
CA ALA A 604 10.29 0.02 23.68
C ALA A 604 9.68 -0.66 22.45
N ALA A 605 10.46 -1.54 21.82
CA ALA A 605 9.91 -2.41 20.79
C ALA A 605 9.24 -3.60 21.45
N GLY A 606 9.05 -4.68 20.71
CA GLY A 606 8.50 -5.88 21.30
C GLY A 606 9.35 -7.10 20.98
N VAL A 607 10.66 -6.91 20.96
CA VAL A 607 11.59 -7.91 20.45
C VAL A 607 12.58 -8.30 21.53
N TRP A 608 13.15 -9.50 21.36
CA TRP A 608 14.29 -9.97 22.13
C TRP A 608 15.53 -9.86 21.26
N ARG A 609 16.60 -9.25 21.79
CA ARG A 609 17.80 -9.01 21.02
C ARG A 609 19.01 -9.67 21.66
N SER A 610 19.96 -10.05 20.81
CA SER A 610 21.25 -10.56 21.26
C SER A 610 22.09 -9.40 21.77
N GLU A 611 23.36 -9.68 22.08
CA GLU A 611 24.24 -8.69 22.69
C GLU A 611 25.24 -8.07 21.72
N GLY A 612 25.82 -8.87 20.83
CA GLY A 612 26.80 -8.36 19.90
C GLY A 612 27.82 -9.42 19.50
N ILE A 613 27.46 -10.25 18.53
CA ILE A 613 28.25 -11.41 18.14
C ILE A 613 28.97 -11.09 16.83
N HIS A 614 30.25 -11.48 16.76
CA HIS A 614 31.02 -11.32 15.53
C HIS A 614 30.78 -12.51 14.61
N LEU A 615 30.72 -12.24 13.31
CA LEU A 615 30.49 -13.27 12.32
C LEU A 615 31.40 -13.04 11.12
N LYS A 616 31.84 -14.14 10.51
CA LYS A 616 32.67 -14.08 9.32
C LYS A 616 31.81 -13.95 8.07
N ASN A 617 32.38 -13.32 7.05
CA ASN A 617 31.63 -13.02 5.84
C ASN A 617 31.28 -14.30 5.08
N LYS A 618 30.05 -14.33 4.57
CA LYS A 618 29.49 -15.46 3.83
C LYS A 618 29.53 -16.77 4.63
N GLN A 619 29.63 -16.67 5.95
CA GLN A 619 29.59 -17.85 6.81
C GLN A 619 28.15 -18.29 7.00
N LYS A 620 27.81 -19.48 6.51
CA LYS A 620 26.45 -19.99 6.64
C LYS A 620 26.15 -20.31 8.10
N VAL A 621 25.53 -19.37 8.81
CA VAL A 621 25.12 -19.64 10.18
C VAL A 621 23.79 -20.38 10.18
N THR A 622 23.52 -21.08 11.28
CA THR A 622 22.29 -21.85 11.40
C THR A 622 21.94 -21.95 12.87
N PHE A 623 20.75 -21.50 13.24
CA PHE A 623 20.41 -21.27 14.64
C PHE A 623 18.90 -21.39 14.80
N GLU A 624 18.44 -21.06 16.01
CA GLU A 624 17.02 -21.09 16.36
C GLU A 624 16.82 -20.31 17.65
N TYR A 625 15.56 -20.04 17.96
CA TYR A 625 15.17 -19.36 19.19
C TYR A 625 14.33 -20.30 20.03
N VAL A 626 14.74 -20.49 21.29
CA VAL A 626 13.99 -21.33 22.22
C VAL A 626 13.17 -20.42 23.12
N ILE A 627 12.00 -20.91 23.52
CA ILE A 627 11.02 -20.12 24.25
C ILE A 627 10.77 -20.78 25.60
N ASN A 628 11.23 -20.12 26.67
CA ASN A 628 10.98 -20.55 28.04
C ASN A 628 11.43 -21.99 28.27
N GLY A 629 12.51 -22.39 27.60
CA GLY A 629 12.99 -23.76 27.71
C GLY A 629 11.98 -24.80 27.30
N ALA A 630 11.11 -24.49 26.34
CA ALA A 630 10.07 -25.42 25.92
C ALA A 630 10.08 -25.59 24.39
N GLU A 631 9.25 -24.82 23.70
CA GLU A 631 9.20 -24.90 22.25
C GLU A 631 10.33 -24.09 21.62
N SER A 632 10.61 -24.38 20.36
CA SER A 632 11.73 -23.77 19.66
C SER A 632 11.33 -23.40 18.24
N THR A 633 11.84 -22.25 17.78
CA THR A 633 11.68 -21.86 16.39
C THR A 633 12.42 -22.84 15.49
N ARG A 634 11.78 -23.22 14.39
CA ARG A 634 12.43 -24.13 13.44
C ARG A 634 13.66 -23.46 12.84
N GLU A 635 14.66 -24.29 12.55
CA GLU A 635 16.01 -23.82 12.24
C GLU A 635 16.00 -22.76 11.15
N LEU A 636 16.82 -21.73 11.34
CA LEU A 636 16.96 -20.62 10.40
C LEU A 636 18.35 -20.68 9.76
N THR A 637 18.66 -19.64 8.97
CA THR A 637 19.95 -19.54 8.32
C THR A 637 20.20 -18.08 7.96
N PHE A 638 21.48 -17.72 7.84
CA PHE A 638 21.88 -16.34 7.59
C PHE A 638 23.34 -16.29 7.18
N THR A 639 23.66 -15.37 6.28
CA THR A 639 25.04 -15.15 5.83
C THR A 639 25.36 -13.68 5.96
N PRO A 640 26.34 -13.29 6.79
CA PRO A 640 26.70 -11.87 6.90
C PRO A 640 27.71 -11.44 5.84
N ASP A 641 27.22 -10.92 4.72
CA ASP A 641 28.08 -10.64 3.58
C ASP A 641 29.12 -9.56 3.85
N ARG A 642 28.93 -8.75 4.89
CA ARG A 642 29.82 -7.61 5.13
C ARG A 642 29.84 -7.27 6.61
N GLY A 643 31.01 -7.41 7.24
CA GLY A 643 31.21 -6.97 8.60
C GLY A 643 31.36 -8.11 9.58
N GLY A 644 31.17 -7.79 10.85
CA GLY A 644 31.33 -8.75 11.92
C GLY A 644 30.29 -8.67 13.02
N LYS A 645 30.33 -7.61 13.83
CA LYS A 645 29.45 -7.47 14.98
C LYS A 645 28.01 -7.31 14.52
N PHE A 646 27.36 -8.44 14.26
CA PHE A 646 25.95 -8.46 13.93
C PHE A 646 25.13 -8.93 15.12
N GLU A 647 23.91 -8.43 15.23
CA GLU A 647 23.04 -8.66 16.36
C GLU A 647 21.80 -9.45 15.92
N PHE A 648 21.31 -10.30 16.82
CA PHE A 648 20.17 -11.17 16.56
C PHE A 648 18.94 -10.59 17.23
N VAL A 649 17.84 -10.51 16.49
CA VAL A 649 16.58 -9.96 16.97
C VAL A 649 15.50 -11.01 16.82
N PHE A 650 14.60 -11.09 17.80
CA PHE A 650 13.49 -12.04 17.80
C PHE A 650 12.19 -11.28 18.01
N ASN A 651 11.42 -11.12 16.93
CA ASN A 651 10.08 -10.56 17.03
C ASN A 651 9.10 -11.73 17.19
N PRO A 652 8.45 -11.88 18.35
CA PRO A 652 7.56 -13.04 18.53
C PRO A 652 6.35 -13.04 17.62
N VAL A 653 5.96 -11.89 17.08
CA VAL A 653 4.84 -11.87 16.13
C VAL A 653 5.28 -12.44 14.78
N GLU A 654 6.51 -12.18 14.38
CA GLU A 654 7.10 -12.75 13.16
C GLU A 654 8.33 -13.56 13.57
N PRO A 655 8.14 -14.74 14.18
CA PRO A 655 9.28 -15.45 14.75
C PRO A 655 10.26 -15.98 13.71
N GLU A 656 9.75 -16.52 12.61
CA GLU A 656 10.61 -17.10 11.58
C GLU A 656 11.37 -16.05 10.78
N GLN A 657 11.13 -14.76 11.02
CA GLN A 657 11.81 -13.71 10.28
C GLN A 657 13.28 -13.67 10.68
N VAL A 658 14.16 -14.04 9.75
CA VAL A 658 15.60 -13.98 9.99
C VAL A 658 16.03 -12.53 9.99
N THR A 659 15.94 -11.88 11.15
CA THR A 659 16.30 -10.47 11.25
C THR A 659 17.61 -10.29 12.01
N VAL A 660 18.69 -10.87 11.50
CA VAL A 660 20.01 -10.69 12.09
C VAL A 660 20.47 -9.27 11.81
N LEU A 661 19.86 -8.30 12.50
CA LEU A 661 20.09 -6.89 12.26
C LEU A 661 21.34 -6.43 12.99
N HIS A 662 22.25 -5.79 12.27
CA HIS A 662 23.43 -5.19 12.89
C HIS A 662 23.05 -4.15 13.92
CA CA B . -8.05 8.04 -11.63
CA CA C . -15.16 8.54 -16.62
#